data_2OIF
#
_entry.id   2OIF
#
_cell.length_a   45.740
_cell.length_b   60.557
_cell.length_c   145.804
_cell.angle_alpha   99.17
_cell.angle_beta   96.97
_cell.angle_gamma   92.43
#
_symmetry.space_group_name_H-M   'P 1'
#
loop_
_entity.id
_entity.type
_entity.pdbx_description
1 polymer 'Non-legume hemoglobin'
2 non-polymer 'CYANIDE ION'
3 non-polymer 'PROTOPORPHYRIN IX CONTAINING FE'
4 non-polymer S-1,2-PROPANEDIOL
5 water water
#
_entity_poly.entity_id   1
_entity_poly.type   'polypeptide(L)'
_entity_poly.pdbx_seq_one_letter_code
;MSAAEGAVVFSEEKEALVLKSWAIMKKDSANLGLRFFLKIFEIAPSARQMFPFLRDSDVPLETNPKLKTHAVSVFVMTCE
AAAQLRKAGKITVRETTLKRLGGTHLKYGVADGHFEVTRFALLETIKEALPADMWGPEMRNAWGEAYDQLVAAIKQEMKP
AE
;
_entity_poly.pdbx_strand_id   A,B,C,D,E,F,G,H
#
# COMPACT_ATOMS: atom_id res chain seq x y z
N VAL A 9 43.04 3.31 -45.66
CA VAL A 9 42.38 4.54 -46.25
C VAL A 9 41.87 5.49 -45.12
N PHE A 10 40.57 5.54 -44.93
CA PHE A 10 39.94 6.03 -43.71
C PHE A 10 38.70 5.16 -43.69
N SER A 11 38.55 4.36 -42.64
CA SER A 11 37.55 3.27 -42.60
C SER A 11 36.13 3.79 -42.64
N GLU A 12 35.18 2.96 -43.08
CA GLU A 12 33.75 3.35 -42.99
C GLU A 12 33.31 3.66 -41.57
N GLU A 13 33.89 2.99 -40.60
CA GLU A 13 33.48 3.19 -39.19
C GLU A 13 33.90 4.61 -38.72
N LYS A 14 35.09 5.00 -39.13
CA LYS A 14 35.62 6.31 -38.76
C LYS A 14 34.86 7.43 -39.49
N GLU A 15 34.54 7.19 -40.75
CA GLU A 15 33.74 8.14 -41.55
C GLU A 15 32.42 8.38 -40.85
N ALA A 16 31.80 7.29 -40.37
CA ALA A 16 30.51 7.44 -39.71
C ALA A 16 30.57 8.26 -38.43
N LEU A 17 31.67 8.16 -37.68
CA LEU A 17 31.83 8.88 -36.42
C LEU A 17 32.03 10.38 -36.71
N VAL A 18 32.84 10.62 -37.73
CA VAL A 18 33.08 11.98 -38.24
C VAL A 18 31.76 12.61 -38.75
N LEU A 19 31.04 11.88 -39.60
CA LEU A 19 29.80 12.38 -40.18
C LEU A 19 28.76 12.72 -39.10
N LYS A 20 28.55 11.86 -38.11
CA LYS A 20 27.47 12.15 -37.18
C LYS A 20 27.81 13.28 -36.24
N SER A 21 29.09 13.45 -35.94
CA SER A 21 29.53 14.53 -35.02
C SER A 21 29.60 15.85 -35.78
N TRP A 22 30.15 15.82 -36.98
CA TRP A 22 30.15 17.04 -37.79
C TRP A 22 28.69 17.48 -38.07
N ALA A 23 27.77 16.53 -38.27
CA ALA A 23 26.32 16.92 -38.40
C ALA A 23 25.85 17.83 -37.29
N ILE A 24 26.34 17.61 -36.08
CA ILE A 24 25.99 18.47 -34.98
C ILE A 24 26.82 19.74 -34.98
N MET A 25 28.15 19.63 -35.18
CA MET A 25 29.00 20.81 -34.93
C MET A 25 28.86 21.86 -36.00
N LYS A 26 28.60 21.43 -37.23
CA LYS A 26 28.49 22.35 -38.37
C LYS A 26 27.43 23.44 -38.14
N LYS A 27 26.48 23.17 -37.24
CA LYS A 27 25.41 24.13 -36.91
C LYS A 27 25.81 25.13 -35.84
N ASP A 28 26.99 24.97 -35.28
CA ASP A 28 27.51 25.87 -34.26
C ASP A 28 28.95 26.25 -34.58
N SER A 29 29.33 26.21 -35.86
CA SER A 29 30.71 26.40 -36.26
C SER A 29 31.33 27.76 -35.89
N ALA A 30 30.52 28.83 -35.87
CA ALA A 30 31.03 30.15 -35.47
C ALA A 30 31.59 30.08 -34.05
N ASN A 31 30.77 29.60 -33.13
CA ASN A 31 31.18 29.46 -31.75
C ASN A 31 32.31 28.44 -31.56
N LEU A 32 32.24 27.28 -32.24
CA LEU A 32 33.22 26.24 -31.97
C LEU A 32 34.58 26.61 -32.56
N GLY A 33 34.57 27.22 -33.74
CA GLY A 33 35.80 27.65 -34.39
C GLY A 33 36.53 28.60 -33.47
N LEU A 34 35.80 29.53 -32.87
CA LEU A 34 36.46 30.49 -31.97
C LEU A 34 36.96 29.79 -30.71
N ARG A 35 36.15 28.91 -30.15
CA ARG A 35 36.60 28.20 -28.95
C ARG A 35 37.85 27.37 -29.22
N PHE A 36 37.98 26.86 -30.43
CA PHE A 36 39.14 26.06 -30.85
C PHE A 36 40.40 26.93 -30.78
N PHE A 37 40.35 28.12 -31.36
CA PHE A 37 41.48 29.00 -31.34
C PHE A 37 41.80 29.56 -29.96
N LEU A 38 40.77 29.84 -29.15
CA LEU A 38 41.01 30.29 -27.79
C LEU A 38 41.75 29.20 -27.03
N LYS A 39 41.33 27.95 -27.28
CA LYS A 39 41.99 26.86 -26.57
C LYS A 39 43.48 26.74 -27.03
N ILE A 40 43.77 26.80 -28.35
CA ILE A 40 45.18 26.89 -28.77
C ILE A 40 45.97 27.93 -27.96
N PHE A 41 45.41 29.14 -27.88
CA PHE A 41 46.13 30.25 -27.29
C PHE A 41 46.21 30.16 -25.74
N GLU A 42 45.31 29.42 -25.13
CA GLU A 42 45.38 29.15 -23.69
C GLU A 42 46.55 28.22 -23.42
N ILE A 43 46.65 27.17 -24.24
CA ILE A 43 47.76 26.25 -24.09
C ILE A 43 49.11 26.88 -24.43
N ALA A 44 49.16 27.59 -25.59
CA ALA A 44 50.39 28.22 -26.06
C ALA A 44 50.19 29.71 -26.37
N PRO A 45 50.20 30.57 -25.36
CA PRO A 45 50.04 32.02 -25.60
C PRO A 45 51.03 32.59 -26.61
N SER A 46 52.25 32.04 -26.67
CA SER A 46 53.24 32.41 -27.70
C SER A 46 52.73 32.32 -29.13
N ALA A 47 51.81 31.40 -29.40
CA ALA A 47 51.22 31.30 -30.74
C ALA A 47 50.47 32.54 -31.21
N ARG A 48 49.92 33.34 -30.28
CA ARG A 48 49.27 34.58 -30.64
C ARG A 48 50.11 35.51 -31.54
N GLN A 49 51.40 35.54 -31.25
CA GLN A 49 52.37 36.41 -31.92
C GLN A 49 52.56 36.08 -33.39
N MET A 50 52.21 34.85 -33.80
CA MET A 50 52.41 34.47 -35.19
C MET A 50 51.36 35.06 -36.13
N PHE A 51 50.25 35.55 -35.58
CA PHE A 51 49.13 35.98 -36.42
C PHE A 51 49.14 37.54 -36.48
N PRO A 52 49.40 38.16 -37.65
CA PRO A 52 49.46 39.63 -37.73
C PRO A 52 48.22 40.34 -37.18
N PHE A 53 47.04 39.72 -37.32
CA PHE A 53 45.79 40.36 -36.89
C PHE A 53 45.63 40.31 -35.37
N LEU A 54 46.43 39.46 -34.70
CA LEU A 54 46.46 39.49 -33.27
C LEU A 54 47.52 40.46 -32.80
N ARG A 55 48.69 40.36 -33.41
CA ARG A 55 49.82 41.26 -33.10
C ARG A 55 49.40 42.75 -33.15
N ASP A 56 48.46 43.06 -34.03
CA ASP A 56 48.06 44.45 -34.32
C ASP A 56 46.79 44.97 -33.62
N SER A 57 46.32 44.23 -32.60
CA SER A 57 45.18 44.59 -31.77
C SER A 57 45.42 44.28 -30.26
N ASP A 58 44.70 44.96 -29.36
CA ASP A 58 44.79 44.67 -27.93
C ASP A 58 43.48 44.28 -27.28
N VAL A 59 42.42 44.17 -28.10
CA VAL A 59 41.10 43.78 -27.62
C VAL A 59 41.17 42.34 -27.12
N PRO A 60 40.31 41.98 -26.18
CA PRO A 60 40.24 40.59 -25.77
C PRO A 60 40.20 39.69 -27.02
N LEU A 61 40.94 38.60 -26.93
CA LEU A 61 40.89 37.57 -27.96
C LEU A 61 39.44 37.23 -28.32
N GLU A 62 38.63 36.94 -27.31
CA GLU A 62 37.22 36.58 -27.51
C GLU A 62 36.44 37.58 -28.35
N THR A 63 36.96 38.80 -28.45
CA THR A 63 36.27 39.92 -29.09
C THR A 63 36.81 40.25 -30.48
N ASN A 64 38.08 39.91 -30.73
CA ASN A 64 38.75 40.23 -31.99
C ASN A 64 38.00 39.71 -33.22
N PRO A 65 37.46 40.61 -34.04
CA PRO A 65 36.59 40.22 -35.16
C PRO A 65 37.32 39.44 -36.27
N LYS A 66 38.58 39.78 -36.55
CA LYS A 66 39.40 39.05 -37.52
C LYS A 66 39.72 37.63 -37.05
N LEU A 67 39.98 37.48 -35.75
CA LEU A 67 40.11 36.14 -35.18
C LEU A 67 38.88 35.27 -35.41
N LYS A 68 37.69 35.81 -35.17
CA LYS A 68 36.47 35.02 -35.38
C LYS A 68 36.35 34.53 -36.81
N THR A 69 36.65 35.39 -37.79
CA THR A 69 36.52 35.04 -39.21
C THR A 69 37.57 34.01 -39.57
N HIS A 70 38.79 34.28 -39.16
CA HIS A 70 39.86 33.33 -39.40
C HIS A 70 39.60 31.93 -38.74
N ALA A 71 39.21 31.98 -37.46
CA ALA A 71 39.03 30.77 -36.67
C ALA A 71 37.98 29.80 -37.27
N VAL A 72 36.85 30.37 -37.67
CA VAL A 72 35.71 29.60 -38.19
C VAL A 72 36.14 29.02 -39.51
N SER A 73 36.84 29.83 -40.31
CA SER A 73 37.38 29.40 -41.58
C SER A 73 38.24 28.15 -41.44
N VAL A 74 39.19 28.18 -40.51
CA VAL A 74 40.09 27.04 -40.34
C VAL A 74 39.35 25.84 -39.75
N PHE A 75 38.48 26.07 -38.78
CA PHE A 75 37.76 24.96 -38.13
C PHE A 75 36.86 24.25 -39.14
N VAL A 76 36.16 25.04 -39.93
CA VAL A 76 35.33 24.51 -41.01
C VAL A 76 36.13 23.78 -42.07
N MET A 77 37.24 24.36 -42.51
CA MET A 77 38.11 23.65 -43.46
C MET A 77 38.58 22.28 -42.92
N THR A 78 38.95 22.28 -41.64
CA THR A 78 39.45 21.04 -41.02
C THR A 78 38.36 19.96 -40.96
N CYS A 79 37.19 20.36 -40.48
CA CYS A 79 36.10 19.42 -40.30
C CYS A 79 35.56 18.93 -41.64
N GLU A 80 35.49 19.84 -42.62
CA GLU A 80 35.10 19.46 -43.99
C GLU A 80 36.09 18.47 -44.61
N ALA A 81 37.40 18.65 -44.39
CA ALA A 81 38.40 17.71 -44.87
C ALA A 81 38.21 16.31 -44.27
N ALA A 82 37.99 16.26 -42.95
CA ALA A 82 37.68 15.00 -42.25
C ALA A 82 36.38 14.37 -42.80
N ALA A 83 35.37 15.19 -43.02
CA ALA A 83 34.07 14.68 -43.49
C ALA A 83 34.06 14.10 -44.91
N GLN A 84 35.04 14.49 -45.73
CA GLN A 84 35.17 14.08 -47.12
C GLN A 84 36.29 13.09 -47.29
N LEU A 85 37.00 12.77 -46.20
CA LEU A 85 38.23 12.02 -46.31
C LEU A 85 38.03 10.63 -47.03
N ARG A 86 37.17 9.80 -46.46
CA ARG A 86 36.77 8.52 -47.14
C ARG A 86 36.14 8.74 -48.52
N LYS A 87 35.10 9.57 -48.62
CA LYS A 87 34.39 9.81 -49.89
C LYS A 87 35.36 10.18 -51.02
N ALA A 88 36.31 11.04 -50.70
CA ALA A 88 37.24 11.53 -51.71
C ALA A 88 38.49 10.68 -51.84
N GLY A 89 38.76 9.84 -50.84
CA GLY A 89 39.94 8.99 -50.82
C GLY A 89 41.25 9.72 -50.59
N LYS A 90 41.15 10.96 -50.07
CA LYS A 90 42.31 11.80 -49.81
C LYS A 90 41.83 13.05 -49.10
N ILE A 91 42.80 13.79 -48.53
CA ILE A 91 42.56 15.14 -47.98
C ILE A 91 42.18 16.10 -49.10
N THR A 92 41.03 16.76 -48.97
CA THR A 92 40.65 17.86 -49.85
C THR A 92 40.44 19.14 -49.02
N VAL A 93 40.80 20.27 -49.59
CA VAL A 93 40.53 21.58 -48.97
C VAL A 93 39.83 22.48 -49.99
N ARG A 94 38.89 23.25 -49.49
CA ARG A 94 38.07 24.17 -50.27
C ARG A 94 38.66 25.55 -50.12
N GLU A 95 38.55 26.37 -51.16
CA GLU A 95 38.97 27.77 -51.11
C GLU A 95 40.48 27.94 -51.18
N THR A 96 41.22 26.82 -51.07
CA THR A 96 42.67 26.86 -51.14
C THR A 96 43.23 25.52 -51.69
N THR A 97 44.54 25.34 -51.65
CA THR A 97 45.21 24.10 -52.05
C THR A 97 46.23 23.67 -51.01
N LEU A 98 46.63 22.39 -51.01
CA LEU A 98 47.67 21.93 -50.08
C LEU A 98 49.01 22.64 -50.32
N LYS A 99 49.32 22.94 -51.58
CA LYS A 99 50.56 23.64 -51.89
C LYS A 99 50.61 25.03 -51.26
N ARG A 100 49.50 25.76 -51.35
CA ARG A 100 49.41 27.12 -50.74
C ARG A 100 49.47 27.04 -49.23
N LEU A 101 48.77 26.04 -48.65
CA LEU A 101 48.81 25.86 -47.20
C LEU A 101 50.25 25.59 -46.74
N GLY A 102 50.93 24.64 -47.40
CA GLY A 102 52.30 24.34 -47.07
C GLY A 102 53.26 25.54 -47.18
N GLY A 103 53.19 26.23 -48.28
CA GLY A 103 53.99 27.46 -48.45
C GLY A 103 53.76 28.50 -47.35
N THR A 104 52.50 28.77 -47.02
CA THR A 104 52.14 29.73 -45.96
C THR A 104 52.70 29.29 -44.59
N HIS A 105 52.40 28.06 -44.16
CA HIS A 105 52.86 27.57 -42.86
C HIS A 105 54.37 27.51 -42.70
N LEU A 106 55.06 27.19 -43.79
CA LEU A 106 56.54 27.28 -43.84
C LEU A 106 57.03 28.70 -43.62
N LYS A 107 56.39 29.64 -44.31
CA LYS A 107 56.76 31.06 -44.21
C LYS A 107 56.55 31.60 -42.80
N TYR A 108 55.49 31.13 -42.16
CA TYR A 108 55.15 31.62 -40.85
C TYR A 108 55.82 30.83 -39.76
N GLY A 109 56.65 29.83 -40.11
CA GLY A 109 57.48 29.15 -39.13
C GLY A 109 56.71 28.22 -38.21
N VAL A 110 55.61 27.67 -38.75
CA VAL A 110 54.84 26.67 -38.02
C VAL A 110 55.58 25.35 -37.89
N ALA A 111 55.77 24.89 -36.64
CA ALA A 111 56.66 23.75 -36.35
C ALA A 111 55.88 22.50 -35.87
N ASP A 112 56.52 21.34 -35.76
CA ASP A 112 55.81 20.19 -35.24
C ASP A 112 55.06 20.47 -33.92
N GLY A 113 55.69 21.19 -32.98
CA GLY A 113 55.07 21.49 -31.71
C GLY A 113 53.75 22.25 -31.86
N HIS A 114 53.69 23.19 -32.81
CA HIS A 114 52.42 23.91 -33.08
C HIS A 114 51.37 22.94 -33.55
N PHE A 115 51.68 22.11 -34.51
CA PHE A 115 50.65 21.12 -34.88
C PHE A 115 50.18 20.20 -33.76
N GLU A 116 51.06 19.86 -32.79
CA GLU A 116 50.66 18.92 -31.73
C GLU A 116 49.71 19.63 -30.77
N VAL A 117 50.04 20.88 -30.48
CA VAL A 117 49.18 21.68 -29.59
C VAL A 117 47.77 21.88 -30.18
N THR A 118 47.75 22.23 -31.44
CA THR A 118 46.50 22.43 -32.20
C THR A 118 45.68 21.12 -32.30
N ARG A 119 46.36 20.00 -32.55
CA ARG A 119 45.62 18.71 -32.50
C ARG A 119 44.89 18.52 -31.15
N PHE A 120 45.58 18.74 -30.03
CA PHE A 120 44.96 18.58 -28.75
C PHE A 120 43.82 19.57 -28.51
N ALA A 121 44.01 20.82 -28.94
CA ALA A 121 42.96 21.83 -28.74
C ALA A 121 41.72 21.49 -29.56
N LEU A 122 41.93 21.00 -30.77
CA LEU A 122 40.81 20.56 -31.60
C LEU A 122 40.03 19.42 -30.90
N LEU A 123 40.77 18.42 -30.42
CA LEU A 123 40.05 17.27 -29.86
C LEU A 123 39.35 17.66 -28.56
N GLU A 124 39.91 18.61 -27.80
CA GLU A 124 39.27 19.06 -26.55
C GLU A 124 38.04 19.90 -26.89
N THR A 125 38.12 20.68 -27.97
CA THR A 125 36.95 21.46 -28.41
C THR A 125 35.79 20.56 -28.90
N ILE A 126 36.11 19.56 -29.71
CA ILE A 126 35.11 18.58 -30.19
C ILE A 126 34.51 17.81 -29.01
N LYS A 127 35.33 17.32 -28.08
CA LYS A 127 34.83 16.66 -26.87
C LYS A 127 33.82 17.57 -26.12
N GLU A 128 34.15 18.85 -25.94
CA GLU A 128 33.23 19.79 -25.28
C GLU A 128 31.96 20.10 -26.06
N ALA A 129 32.04 19.99 -27.38
CA ALA A 129 30.96 20.27 -28.31
C ALA A 129 29.88 19.17 -28.42
N LEU A 130 30.27 17.91 -28.22
CA LEU A 130 29.42 16.77 -28.59
C LEU A 130 28.62 16.26 -27.38
N PRO A 131 27.46 15.71 -27.65
CA PRO A 131 26.72 14.96 -26.60
C PRO A 131 27.64 13.97 -25.94
N ALA A 132 27.53 13.90 -24.62
CA ALA A 132 28.34 12.95 -23.84
C ALA A 132 28.15 11.54 -24.37
N ASP A 133 26.93 11.22 -24.83
CA ASP A 133 26.63 9.94 -25.51
C ASP A 133 27.47 9.52 -26.67
N MET A 134 27.97 10.49 -27.43
CA MET A 134 28.77 10.08 -28.56
C MET A 134 30.27 10.26 -28.40
N TRP A 135 30.69 10.81 -27.27
CA TRP A 135 32.12 10.93 -26.98
C TRP A 135 32.67 9.63 -26.47
N GLY A 136 33.86 9.26 -26.94
CA GLY A 136 34.56 8.09 -26.46
C GLY A 136 35.91 7.96 -27.17
N PRO A 137 36.66 6.90 -26.88
CA PRO A 137 37.92 6.60 -27.56
C PRO A 137 37.79 6.42 -29.06
N GLU A 138 36.75 5.76 -29.58
CA GLU A 138 36.58 5.65 -31.03
C GLU A 138 36.43 7.06 -31.69
N MET A 139 35.59 7.90 -31.12
CA MET A 139 35.34 9.23 -31.67
C MET A 139 36.63 10.05 -31.63
N ARG A 140 37.30 10.05 -30.47
CA ARG A 140 38.55 10.79 -30.36
C ARG A 140 39.58 10.31 -31.37
N ASN A 141 39.68 9.00 -31.56
CA ASN A 141 40.63 8.44 -32.53
C ASN A 141 40.26 8.77 -33.97
N ALA A 142 38.98 8.73 -34.31
CA ALA A 142 38.58 9.03 -35.69
C ALA A 142 38.99 10.47 -36.05
N TRP A 143 38.67 11.43 -35.19
CA TRP A 143 39.06 12.85 -35.42
C TRP A 143 40.56 13.11 -35.37
N GLY A 144 41.27 12.42 -34.45
CA GLY A 144 42.70 12.61 -34.34
C GLY A 144 43.39 12.10 -35.59
N GLU A 145 42.90 10.98 -36.11
CA GLU A 145 43.52 10.40 -37.29
C GLU A 145 43.21 11.24 -38.54
N ALA A 146 42.02 11.82 -38.61
CA ALA A 146 41.66 12.64 -39.79
C ALA A 146 42.53 13.91 -39.73
N TYR A 147 42.64 14.49 -38.55
CA TYR A 147 43.53 15.62 -38.36
C TYR A 147 44.96 15.28 -38.77
N ASP A 148 45.45 14.15 -38.28
CA ASP A 148 46.78 13.72 -38.66
C ASP A 148 47.03 13.63 -40.16
N GLN A 149 46.03 13.13 -40.90
CA GLN A 149 46.11 13.07 -42.36
C GLN A 149 46.19 14.45 -42.97
N LEU A 150 45.38 15.36 -42.43
CA LEU A 150 45.42 16.73 -42.93
C LEU A 150 46.78 17.36 -42.73
N VAL A 151 47.33 17.22 -41.51
CA VAL A 151 48.64 17.83 -41.22
C VAL A 151 49.73 17.18 -42.07
N ALA A 152 49.64 15.85 -42.23
CA ALA A 152 50.66 15.22 -43.04
C ALA A 152 50.63 15.71 -44.51
N ALA A 153 49.42 15.94 -45.05
CA ALA A 153 49.21 16.54 -46.38
C ALA A 153 49.79 17.97 -46.45
N ILE A 154 49.59 18.75 -45.41
CA ILE A 154 50.26 20.05 -45.38
C ILE A 154 51.80 19.91 -45.30
N LYS A 155 52.30 19.09 -44.38
CA LYS A 155 53.75 18.94 -44.22
C LYS A 155 54.49 18.47 -45.50
N GLN A 156 53.77 17.79 -46.41
CA GLN A 156 54.36 17.31 -47.66
C GLN A 156 54.82 18.51 -48.45
N GLU A 157 54.05 19.58 -48.31
CA GLU A 157 54.28 20.80 -49.07
C GLU A 157 55.15 21.82 -48.30
N MET A 158 55.63 21.41 -47.14
CA MET A 158 56.56 22.22 -46.35
C MET A 158 57.98 21.61 -46.40
N LYS A 159 58.16 20.53 -47.15
CA LYS A 159 59.44 19.81 -47.20
C LYS A 159 59.90 19.80 -48.64
N PRO A 160 61.19 19.54 -48.88
CA PRO A 160 61.73 19.64 -50.24
C PRO A 160 61.05 18.75 -51.27
N ALA A 161 60.94 19.25 -52.51
CA ALA A 161 60.61 18.47 -53.71
C ALA A 161 59.32 17.67 -53.58
N PHE B 10 33.61 -7.22 2.43
CA PHE B 10 34.11 -5.93 1.83
C PHE B 10 35.64 -5.92 1.68
N SER B 11 36.13 -5.96 0.44
CA SER B 11 37.56 -6.10 0.13
C SER B 11 38.43 -4.91 0.56
N GLU B 12 39.72 -5.18 0.74
CA GLU B 12 40.68 -4.10 0.97
C GLU B 12 40.65 -3.02 -0.13
N GLU B 13 40.46 -3.44 -1.39
CA GLU B 13 40.34 -2.53 -2.53
C GLU B 13 39.13 -1.57 -2.39
N LYS B 14 38.01 -2.11 -1.96
CA LYS B 14 36.83 -1.29 -1.79
C LYS B 14 36.97 -0.36 -0.58
N GLU B 15 37.58 -0.86 0.50
CA GLU B 15 37.84 -0.02 1.67
C GLU B 15 38.70 1.22 1.35
N ALA B 16 39.76 1.03 0.58
CA ALA B 16 40.66 2.14 0.27
C ALA B 16 39.97 3.19 -0.58
N LEU B 17 39.13 2.76 -1.53
CA LEU B 17 38.29 3.70 -2.32
C LEU B 17 37.40 4.51 -1.42
N VAL B 18 36.64 3.84 -0.57
CA VAL B 18 35.77 4.51 0.38
C VAL B 18 36.58 5.46 1.27
N LEU B 19 37.68 4.97 1.83
CA LEU B 19 38.45 5.81 2.76
C LEU B 19 39.02 7.08 2.09
N LYS B 20 39.64 6.94 0.92
CA LYS B 20 40.25 8.12 0.28
C LYS B 20 39.22 9.18 -0.09
N SER B 21 38.00 8.74 -0.42
CA SER B 21 36.95 9.62 -0.89
C SER B 21 36.26 10.23 0.30
N TRP B 22 35.96 9.42 1.32
CA TRP B 22 35.50 9.96 2.60
C TRP B 22 36.47 11.00 3.21
N ALA B 23 37.76 10.74 3.07
CA ALA B 23 38.78 11.66 3.56
C ALA B 23 38.53 13.06 3.00
N ILE B 24 38.09 13.16 1.75
CA ILE B 24 37.74 14.47 1.17
C ILE B 24 36.34 14.95 1.57
N MET B 25 35.35 14.05 1.48
CA MET B 25 33.98 14.47 1.68
C MET B 25 33.65 14.89 3.14
N LYS B 26 34.36 14.30 4.11
CA LYS B 26 34.15 14.56 5.56
C LYS B 26 34.37 16.04 5.88
N LYS B 27 35.22 16.68 5.10
CA LYS B 27 35.54 18.11 5.21
C LYS B 27 34.42 19.03 4.66
N ASP B 28 33.46 18.45 3.93
CA ASP B 28 32.36 19.25 3.36
C ASP B 28 30.97 18.58 3.63
N SER B 29 30.85 17.88 4.75
CA SER B 29 29.67 17.04 4.96
C SER B 29 28.36 17.84 5.13
N ALA B 30 28.43 19.07 5.68
CA ALA B 30 27.22 19.90 5.75
C ALA B 30 26.62 20.14 4.35
N ASN B 31 27.43 20.73 3.47
CA ASN B 31 27.04 20.98 2.07
C ASN B 31 26.57 19.67 1.39
N LEU B 32 27.37 18.61 1.51
CA LEU B 32 27.09 17.40 0.72
C LEU B 32 25.86 16.63 1.18
N GLY B 33 25.66 16.54 2.51
CA GLY B 33 24.43 15.97 3.04
C GLY B 33 23.20 16.70 2.56
N LEU B 34 23.25 18.02 2.59
CA LEU B 34 22.15 18.78 2.03
C LEU B 34 21.96 18.48 0.53
N ARG B 35 23.03 18.50 -0.24
CA ARG B 35 22.88 18.22 -1.67
C ARG B 35 22.29 16.84 -1.91
N PHE B 36 22.67 15.93 -1.04
CA PHE B 36 22.22 14.52 -1.13
C PHE B 36 20.73 14.47 -0.93
N PHE B 37 20.20 15.19 0.08
CA PHE B 37 18.77 15.14 0.24
C PHE B 37 18.01 15.94 -0.83
N LEU B 38 18.55 17.08 -1.28
CA LEU B 38 17.96 17.79 -2.42
C LEU B 38 17.84 16.87 -3.65
N LYS B 39 18.85 16.04 -3.88
CA LYS B 39 18.86 15.14 -5.03
C LYS B 39 17.79 14.10 -4.83
N ILE B 40 17.66 13.55 -3.63
CA ILE B 40 16.56 12.58 -3.37
C ILE B 40 15.22 13.22 -3.73
N PHE B 41 15.02 14.49 -3.34
CA PHE B 41 13.73 15.09 -3.57
C PHE B 41 13.52 15.58 -5.01
N GLU B 42 14.61 15.78 -5.75
CA GLU B 42 14.50 16.17 -7.15
C GLU B 42 14.01 14.96 -7.92
N ILE B 43 14.58 13.81 -7.58
CA ILE B 43 14.21 12.56 -8.24
C ILE B 43 12.78 12.16 -7.89
N ALA B 44 12.47 12.22 -6.60
CA ALA B 44 11.18 11.77 -6.11
C ALA B 44 10.54 12.84 -5.21
N PRO B 45 9.90 13.86 -5.77
CA PRO B 45 9.23 14.91 -4.96
C PRO B 45 8.26 14.35 -3.93
N SER B 46 7.58 13.24 -4.23
CA SER B 46 6.68 12.62 -3.25
C SER B 46 7.36 12.27 -1.95
N ALA B 47 8.68 12.02 -1.99
CA ALA B 47 9.42 11.59 -0.79
C ALA B 47 9.47 12.69 0.27
N ARG B 48 9.40 13.94 -0.18
CA ARG B 48 9.40 15.06 0.75
C ARG B 48 8.35 14.88 1.85
N GLN B 49 7.13 14.46 1.47
CA GLN B 49 6.00 14.38 2.40
C GLN B 49 6.17 13.32 3.46
N MET B 50 7.18 12.46 3.30
CA MET B 50 7.47 11.50 4.35
C MET B 50 8.02 12.12 5.61
N PHE B 51 8.59 13.32 5.47
CA PHE B 51 9.32 13.98 6.55
C PHE B 51 8.44 15.05 7.20
N PRO B 52 8.02 14.83 8.46
CA PRO B 52 7.19 15.83 9.16
C PRO B 52 7.63 17.28 8.99
N PHE B 53 8.93 17.53 9.18
CA PHE B 53 9.45 18.88 9.17
C PHE B 53 9.48 19.53 7.78
N LEU B 54 9.00 18.82 6.75
CA LEU B 54 8.97 19.36 5.38
C LEU B 54 7.55 19.61 4.81
N ARG B 55 6.52 19.34 5.59
CA ARG B 55 5.14 19.30 5.05
C ARG B 55 4.46 20.66 4.81
N ASP B 56 5.23 21.74 4.98
CA ASP B 56 4.80 23.13 4.79
C ASP B 56 5.45 23.77 3.58
N SER B 57 4.66 24.01 2.53
CA SER B 57 5.08 24.88 1.42
C SER B 57 5.41 26.27 1.98
N ASP B 58 5.87 27.16 1.09
CA ASP B 58 6.40 28.50 1.44
C ASP B 58 7.66 28.52 2.33
N VAL B 59 8.11 27.36 2.80
CA VAL B 59 9.47 27.23 3.34
C VAL B 59 10.28 26.35 2.40
N PRO B 60 11.17 26.95 1.61
CA PRO B 60 11.93 26.18 0.60
C PRO B 60 12.82 25.13 1.25
N LEU B 61 12.98 24.01 0.55
CA LEU B 61 13.84 22.90 0.98
C LEU B 61 15.25 23.39 1.17
N GLU B 62 15.71 24.19 0.23
CA GLU B 62 17.07 24.68 0.16
C GLU B 62 17.51 25.34 1.46
N THR B 63 16.57 25.94 2.20
CA THR B 63 16.96 26.68 3.41
C THR B 63 16.35 26.17 4.71
N ASN B 64 15.50 25.15 4.62
CA ASN B 64 14.80 24.61 5.77
C ASN B 64 15.82 24.09 6.80
N PRO B 65 15.84 24.71 7.99
CA PRO B 65 16.94 24.47 8.94
C PRO B 65 16.96 23.06 9.49
N LYS B 66 15.77 22.50 9.70
CA LYS B 66 15.62 21.14 10.17
C LYS B 66 16.16 20.15 9.13
N LEU B 67 15.88 20.40 7.85
CA LEU B 67 16.47 19.57 6.79
C LEU B 67 18.00 19.57 6.83
N LYS B 68 18.63 20.73 7.04
CA LYS B 68 20.10 20.74 7.05
C LYS B 68 20.69 19.81 8.12
N THR B 69 20.14 19.89 9.33
CA THR B 69 20.61 19.11 10.48
C THR B 69 20.38 17.62 10.28
N HIS B 70 19.18 17.29 9.80
CA HIS B 70 18.84 15.89 9.54
C HIS B 70 19.74 15.31 8.42
N ALA B 71 19.83 16.05 7.30
CA ALA B 71 20.65 15.62 6.17
C ALA B 71 22.11 15.34 6.53
N VAL B 72 22.75 16.22 7.29
CA VAL B 72 24.16 15.97 7.65
C VAL B 72 24.24 14.77 8.56
N SER B 73 23.30 14.61 9.47
CA SER B 73 23.35 13.46 10.36
C SER B 73 23.30 12.10 9.60
N VAL B 74 22.44 12.00 8.57
CA VAL B 74 22.22 10.73 7.87
C VAL B 74 23.39 10.47 6.92
N PHE B 75 23.78 11.54 6.21
CA PHE B 75 24.93 11.46 5.33
C PHE B 75 26.18 11.02 6.07
N VAL B 76 26.44 11.62 7.23
CA VAL B 76 27.63 11.28 7.97
C VAL B 76 27.53 9.87 8.49
N MET B 77 26.36 9.52 9.06
CA MET B 77 26.12 8.13 9.46
C MET B 77 26.38 7.08 8.37
N THR B 78 25.83 7.31 7.17
CA THR B 78 26.03 6.44 6.01
C THR B 78 27.49 6.28 5.67
N CYS B 79 28.19 7.41 5.55
CA CYS B 79 29.58 7.37 5.17
C CYS B 79 30.45 6.74 6.28
N GLU B 80 30.13 6.98 7.54
CA GLU B 80 30.97 6.38 8.61
C GLU B 80 30.74 4.85 8.57
N ALA B 81 29.52 4.43 8.32
CA ALA B 81 29.22 3.01 8.19
C ALA B 81 30.04 2.32 7.07
N ALA B 82 30.10 2.96 5.89
CA ALA B 82 30.95 2.51 4.79
C ALA B 82 32.42 2.54 5.20
N ALA B 83 32.86 3.63 5.87
CA ALA B 83 34.27 3.75 6.22
C ALA B 83 34.75 2.69 7.25
N GLN B 84 33.82 2.17 8.05
CA GLN B 84 34.16 1.18 9.07
C GLN B 84 33.78 -0.27 8.70
N LEU B 85 33.25 -0.48 7.50
CA LEU B 85 32.65 -1.75 7.11
C LEU B 85 33.65 -2.90 7.13
N ARG B 86 34.78 -2.74 6.45
CA ARG B 86 35.84 -3.74 6.53
C ARG B 86 36.46 -3.89 7.95
N LYS B 87 36.96 -2.79 8.53
CA LYS B 87 37.59 -2.81 9.87
C LYS B 87 36.74 -3.39 11.02
N ALA B 88 35.41 -3.30 10.91
CA ALA B 88 34.54 -3.82 11.96
C ALA B 88 33.99 -5.19 11.55
N GLY B 89 34.15 -5.52 10.28
CA GLY B 89 33.69 -6.80 9.75
C GLY B 89 32.18 -6.79 9.51
N LYS B 90 31.55 -5.63 9.71
CA LYS B 90 30.09 -5.52 9.62
C LYS B 90 29.61 -4.05 9.59
N ILE B 91 28.31 -3.87 9.33
CA ILE B 91 27.70 -2.54 9.42
C ILE B 91 27.59 -2.06 10.85
N THR B 92 28.14 -0.87 11.12
CA THR B 92 28.01 -0.19 12.41
C THR B 92 27.46 1.20 12.21
N VAL B 93 26.74 1.67 13.23
CA VAL B 93 26.11 2.95 13.24
C VAL B 93 26.30 3.55 14.65
N ARG B 94 26.60 4.85 14.68
CA ARG B 94 26.95 5.56 15.91
C ARG B 94 25.79 6.39 16.36
N GLU B 95 25.49 6.30 17.65
CA GLU B 95 24.46 7.10 18.30
C GLU B 95 23.09 6.71 17.80
N THR B 96 23.03 5.50 17.26
CA THR B 96 21.80 4.75 17.17
C THR B 96 22.10 3.24 17.01
N THR B 97 21.05 2.51 16.70
CA THR B 97 21.16 1.09 16.56
C THR B 97 20.41 0.64 15.27
N LEU B 98 20.84 -0.46 14.64
CA LEU B 98 20.09 -1.02 13.51
C LEU B 98 18.62 -1.32 13.87
N LYS B 99 18.38 -1.81 15.08
CA LYS B 99 17.02 -2.18 15.50
C LYS B 99 16.17 -0.92 15.55
N ARG B 100 16.77 0.16 16.06
CA ARG B 100 16.07 1.43 16.13
C ARG B 100 15.79 2.01 14.73
N LEU B 101 16.80 2.03 13.87
CA LEU B 101 16.62 2.46 12.47
C LEU B 101 15.48 1.68 11.81
N GLY B 102 15.54 0.35 11.91
CA GLY B 102 14.49 -0.52 11.41
C GLY B 102 13.09 -0.11 11.86
N GLY B 103 12.93 0.08 13.17
CA GLY B 103 11.65 0.44 13.75
C GLY B 103 11.14 1.78 13.23
N THR B 104 12.03 2.78 13.17
CA THR B 104 11.69 4.09 12.63
C THR B 104 11.28 4.01 11.19
N HIS B 105 12.07 3.34 10.36
CA HIS B 105 11.76 3.32 8.92
C HIS B 105 10.47 2.54 8.60
N LEU B 106 10.19 1.51 9.40
CA LEU B 106 8.89 0.83 9.30
C LEU B 106 7.72 1.75 9.67
N LYS B 107 7.86 2.52 10.76
CA LYS B 107 6.80 3.44 11.25
C LYS B 107 6.51 4.59 10.32
N TYR B 108 7.52 4.97 9.55
CA TYR B 108 7.35 6.06 8.60
C TYR B 108 7.06 5.51 7.19
N GLY B 109 6.88 4.20 7.09
CA GLY B 109 6.43 3.59 5.83
C GLY B 109 7.42 3.58 4.68
N VAL B 110 8.70 3.49 5.01
CA VAL B 110 9.77 3.48 4.00
C VAL B 110 9.84 2.16 3.22
N ALA B 111 9.78 2.24 1.91
CA ALA B 111 9.67 1.07 1.05
C ALA B 111 10.91 0.82 0.18
N ASP B 112 10.96 -0.34 -0.47
CA ASP B 112 12.09 -0.69 -1.33
C ASP B 112 12.45 0.41 -2.35
N GLY B 113 11.44 0.97 -3.02
CA GLY B 113 11.69 2.02 -3.99
C GLY B 113 12.31 3.27 -3.39
N HIS B 114 12.07 3.55 -2.11
CA HIS B 114 12.67 4.73 -1.47
C HIS B 114 14.16 4.48 -1.32
N PHE B 115 14.52 3.28 -0.82
CA PHE B 115 15.95 2.96 -0.72
C PHE B 115 16.67 2.99 -2.07
N GLU B 116 15.94 2.74 -3.15
CA GLU B 116 16.51 2.66 -4.49
C GLU B 116 16.82 4.08 -4.97
N VAL B 117 15.87 4.97 -4.76
CA VAL B 117 16.07 6.35 -5.21
C VAL B 117 17.22 6.96 -4.42
N THR B 118 17.21 6.73 -3.12
CA THR B 118 18.24 7.30 -2.24
C THR B 118 19.64 6.76 -2.57
N ARG B 119 19.75 5.48 -2.94
CA ARG B 119 21.04 4.98 -3.38
C ARG B 119 21.59 5.78 -4.54
N PHE B 120 20.74 5.95 -5.56
CA PHE B 120 21.16 6.56 -6.78
C PHE B 120 21.55 7.99 -6.42
N ALA B 121 20.76 8.62 -5.54
CA ALA B 121 21.00 10.04 -5.16
C ALA B 121 22.33 10.17 -4.42
N LEU B 122 22.63 9.19 -3.56
CA LEU B 122 23.89 9.20 -2.83
C LEU B 122 25.03 9.14 -3.80
N LEU B 123 24.92 8.22 -4.76
CA LEU B 123 26.05 7.99 -5.68
C LEU B 123 26.25 9.16 -6.64
N GLU B 124 25.17 9.80 -7.09
CA GLU B 124 25.32 11.01 -7.90
C GLU B 124 25.99 12.09 -7.06
N THR B 125 25.64 12.17 -5.78
CA THR B 125 26.15 13.25 -4.92
C THR B 125 27.62 13.05 -4.68
N ILE B 126 28.02 11.80 -4.45
CA ILE B 126 29.43 11.50 -4.33
C ILE B 126 30.21 11.82 -5.64
N LYS B 127 29.68 11.40 -6.80
CA LYS B 127 30.29 11.67 -8.10
C LYS B 127 30.55 13.18 -8.27
N GLU B 128 29.56 13.98 -7.87
CA GLU B 128 29.70 15.41 -8.05
C GLU B 128 30.68 16.01 -7.02
N ALA B 129 30.88 15.33 -5.90
CA ALA B 129 31.78 15.80 -4.85
C ALA B 129 33.25 15.54 -5.09
N LEU B 130 33.56 14.44 -5.78
CA LEU B 130 34.95 13.92 -5.78
C LEU B 130 35.76 14.45 -6.94
N PRO B 131 37.09 14.53 -6.79
CA PRO B 131 37.95 14.81 -7.94
C PRO B 131 37.59 13.89 -9.10
N ALA B 132 37.50 14.46 -10.31
CA ALA B 132 37.33 13.64 -11.52
C ALA B 132 38.30 12.45 -11.57
N ASP B 133 39.53 12.65 -11.05
CA ASP B 133 40.56 11.60 -10.86
C ASP B 133 40.18 10.32 -10.20
N MET B 134 39.30 10.46 -9.23
CA MET B 134 38.87 9.37 -8.36
C MET B 134 37.63 8.66 -8.89
N TRP B 135 36.90 9.27 -9.82
CA TRP B 135 35.60 8.71 -10.19
C TRP B 135 35.80 7.64 -11.25
N GLY B 136 34.95 6.63 -11.17
CA GLY B 136 34.90 5.57 -12.16
C GLY B 136 33.97 4.50 -11.67
N PRO B 137 33.92 3.39 -12.40
CA PRO B 137 33.04 2.27 -12.06
C PRO B 137 33.36 1.66 -10.70
N GLU B 138 34.64 1.42 -10.42
CA GLU B 138 35.12 0.85 -9.16
C GLU B 138 34.69 1.68 -7.91
N MET B 139 34.94 2.99 -7.95
CA MET B 139 34.47 3.89 -6.88
C MET B 139 32.95 3.83 -6.73
N ARG B 140 32.20 3.85 -7.85
CA ARG B 140 30.73 3.81 -7.74
C ARG B 140 30.27 2.52 -7.07
N ASN B 141 30.88 1.41 -7.48
CA ASN B 141 30.57 0.06 -6.98
C ASN B 141 30.93 -0.13 -5.51
N ALA B 142 32.05 0.43 -5.06
CA ALA B 142 32.41 0.34 -3.65
C ALA B 142 31.36 1.05 -2.81
N TRP B 143 31.03 2.29 -3.17
CA TRP B 143 30.01 3.02 -2.42
C TRP B 143 28.60 2.39 -2.54
N GLY B 144 28.28 1.92 -3.74
CA GLY B 144 27.01 1.24 -4.00
C GLY B 144 26.88 -0.01 -3.13
N GLU B 145 27.97 -0.77 -3.04
CA GLU B 145 27.95 -2.00 -2.25
C GLU B 145 27.90 -1.78 -0.74
N ALA B 146 28.64 -0.77 -0.24
CA ALA B 146 28.54 -0.41 1.17
C ALA B 146 27.12 0.09 1.54
N TYR B 147 26.52 0.88 0.67
CA TYR B 147 25.17 1.37 0.89
C TYR B 147 24.22 0.17 0.94
N ASP B 148 24.34 -0.72 -0.05
CA ASP B 148 23.49 -1.93 -0.09
C ASP B 148 23.56 -2.74 1.23
N GLN B 149 24.76 -2.90 1.79
CA GLN B 149 24.90 -3.66 3.03
C GLN B 149 24.25 -2.93 4.19
N LEU B 150 24.42 -1.61 4.22
CA LEU B 150 23.72 -0.82 5.23
C LEU B 150 22.20 -0.95 5.15
N VAL B 151 21.64 -0.84 3.94
CA VAL B 151 20.18 -0.95 3.76
C VAL B 151 19.69 -2.34 4.12
N ALA B 152 20.43 -3.37 3.71
CA ALA B 152 20.00 -4.75 4.05
C ALA B 152 20.00 -4.95 5.58
N ALA B 153 20.93 -4.29 6.28
CA ALA B 153 21.03 -4.41 7.74
C ALA B 153 19.87 -3.69 8.43
N ILE B 154 19.48 -2.53 7.92
CA ILE B 154 18.23 -1.91 8.35
C ILE B 154 16.99 -2.77 8.00
N LYS B 155 16.96 -3.29 6.77
CA LYS B 155 15.78 -4.02 6.36
C LYS B 155 15.55 -5.26 7.25
N GLN B 156 16.64 -5.87 7.71
CA GLN B 156 16.58 -7.02 8.61
C GLN B 156 15.83 -6.71 9.91
N GLU B 157 15.85 -5.43 10.30
CA GLU B 157 15.08 -5.01 11.44
C GLU B 157 13.72 -4.42 11.11
N MET B 158 13.27 -4.57 9.87
CA MET B 158 11.94 -4.10 9.48
C MET B 158 10.96 -5.24 9.19
N LYS B 159 11.46 -6.48 9.17
CA LYS B 159 10.66 -7.67 8.83
C LYS B 159 10.51 -8.56 10.08
N PRO B 160 9.51 -9.46 10.05
CA PRO B 160 9.35 -10.46 11.13
C PRO B 160 10.60 -11.32 11.33
N VAL C 9 -35.01 -40.33 42.33
CA VAL C 9 -33.68 -40.82 41.87
C VAL C 9 -32.73 -39.66 41.47
N PHE C 10 -33.23 -38.74 40.62
CA PHE C 10 -32.45 -37.68 39.88
C PHE C 10 -30.96 -37.93 39.70
N SER C 11 -30.56 -38.31 38.48
CA SER C 11 -29.18 -38.72 38.21
C SER C 11 -28.14 -37.63 38.44
N GLU C 12 -26.88 -38.06 38.51
CA GLU C 12 -25.73 -37.18 38.62
C GLU C 12 -25.55 -36.29 37.40
N GLU C 13 -25.76 -36.86 36.21
CA GLU C 13 -25.68 -36.10 34.95
C GLU C 13 -26.66 -34.92 35.02
N LYS C 14 -27.90 -35.20 35.41
CA LYS C 14 -28.93 -34.14 35.47
C LYS C 14 -28.63 -33.12 36.55
N GLU C 15 -28.16 -33.57 37.71
CA GLU C 15 -27.71 -32.66 38.75
C GLU C 15 -26.67 -31.67 38.23
N ALA C 16 -25.71 -32.19 37.47
CA ALA C 16 -24.56 -31.39 37.05
C ALA C 16 -25.03 -30.29 36.11
N LEU C 17 -26.00 -30.61 35.26
CA LEU C 17 -26.61 -29.62 34.38
C LEU C 17 -27.33 -28.54 35.18
N VAL C 18 -28.10 -28.96 36.17
CA VAL C 18 -28.83 -28.00 37.02
C VAL C 18 -27.86 -27.09 37.77
N LEU C 19 -26.82 -27.68 38.37
CA LEU C 19 -25.87 -26.94 39.18
C LEU C 19 -25.11 -25.86 38.40
N LYS C 20 -24.62 -26.19 37.20
CA LYS C 20 -23.84 -25.21 36.46
C LYS C 20 -24.69 -24.12 35.83
N SER C 21 -25.97 -24.42 35.60
CA SER C 21 -26.86 -23.42 35.02
C SER C 21 -27.35 -22.50 36.14
N TRP C 22 -27.77 -23.08 37.26
CA TRP C 22 -28.16 -22.30 38.45
C TRP C 22 -27.02 -21.39 38.95
N ALA C 23 -25.78 -21.88 38.82
CA ALA C 23 -24.59 -21.11 39.18
C ALA C 23 -24.60 -19.76 38.45
N ILE C 24 -25.03 -19.79 37.19
CA ILE C 24 -25.18 -18.59 36.35
C ILE C 24 -26.37 -17.77 36.72
N MET C 25 -27.54 -18.42 36.79
CA MET C 25 -28.82 -17.75 37.00
C MET C 25 -28.98 -17.13 38.38
N LYS C 26 -28.35 -17.76 39.39
CA LYS C 26 -28.35 -17.26 40.77
C LYS C 26 -27.95 -15.80 40.82
N LYS C 27 -27.02 -15.41 39.93
CA LYS C 27 -26.47 -14.04 39.89
C LYS C 27 -27.41 -12.98 39.33
N ASP C 28 -28.57 -13.42 38.83
CA ASP C 28 -29.52 -12.54 38.15
C ASP C 28 -30.98 -12.89 38.48
N SER C 29 -31.18 -13.59 39.59
CA SER C 29 -32.50 -14.11 39.93
C SER C 29 -33.62 -13.06 40.06
N ALA C 30 -33.28 -11.82 40.46
CA ALA C 30 -34.31 -10.78 40.52
C ALA C 30 -34.92 -10.52 39.11
N ASN C 31 -34.06 -10.26 38.15
CA ASN C 31 -34.48 -10.10 36.75
C ASN C 31 -35.13 -11.40 36.18
N LEU C 32 -34.51 -12.54 36.42
CA LEU C 32 -34.99 -13.78 35.85
C LEU C 32 -36.38 -14.18 36.38
N GLY C 33 -36.64 -13.95 37.67
CA GLY C 33 -37.92 -14.34 38.25
C GLY C 33 -39.02 -13.48 37.63
N LEU C 34 -38.75 -12.20 37.43
CA LEU C 34 -39.70 -11.34 36.75
C LEU C 34 -39.96 -11.74 35.28
N ARG C 35 -38.90 -11.99 34.52
CA ARG C 35 -39.00 -12.48 33.16
C ARG C 35 -39.84 -13.76 33.11
N PHE C 36 -39.65 -14.64 34.09
CA PHE C 36 -40.41 -15.90 34.22
C PHE C 36 -41.91 -15.64 34.32
N PHE C 37 -42.31 -14.77 35.24
CA PHE C 37 -43.72 -14.50 35.41
C PHE C 37 -44.30 -13.69 34.26
N LEU C 38 -43.52 -12.78 33.66
CA LEU C 38 -44.04 -12.04 32.53
C LEU C 38 -44.31 -13.01 31.37
N LYS C 39 -43.46 -14.02 31.26
CA LYS C 39 -43.68 -15.08 30.24
C LYS C 39 -44.93 -15.94 30.51
N ILE C 40 -45.15 -16.35 31.77
CA ILE C 40 -46.43 -16.99 32.14
C ILE C 40 -47.60 -16.12 31.68
N PHE C 41 -47.57 -14.82 31.99
CA PHE C 41 -48.73 -13.98 31.67
C PHE C 41 -48.86 -13.62 30.19
N GLU C 42 -47.75 -13.71 29.45
CA GLU C 42 -47.81 -13.52 27.99
C GLU C 42 -48.50 -14.67 27.34
N ILE C 43 -48.18 -15.86 27.83
CA ILE C 43 -48.81 -17.05 27.30
C ILE C 43 -50.28 -17.14 27.71
N ALA C 44 -50.54 -16.90 28.99
CA ALA C 44 -51.86 -17.15 29.53
C ALA C 44 -52.30 -15.88 30.29
N PRO C 45 -52.74 -14.83 29.58
CA PRO C 45 -53.11 -13.56 30.25
C PRO C 45 -54.13 -13.75 31.36
N SER C 46 -54.99 -14.77 31.24
CA SER C 46 -55.99 -15.06 32.27
C SER C 46 -55.38 -15.40 33.64
N ALA C 47 -54.18 -16.01 33.62
CA ALA C 47 -53.52 -16.32 34.88
C ALA C 47 -53.26 -15.10 35.76
N ARG C 48 -53.09 -13.92 35.18
CA ARG C 48 -52.88 -12.69 35.94
C ARG C 48 -53.97 -12.51 37.02
N GLN C 49 -55.21 -12.78 36.61
CA GLN C 49 -56.40 -12.57 37.42
C GLN C 49 -56.42 -13.43 38.67
N MET C 50 -55.62 -14.50 38.68
CA MET C 50 -55.56 -15.40 39.83
C MET C 50 -54.77 -14.81 41.01
N PHE C 51 -53.96 -13.80 40.76
CA PHE C 51 -53.10 -13.22 41.79
C PHE C 51 -53.75 -11.95 42.25
N PRO C 52 -54.16 -11.90 43.54
CA PRO C 52 -54.84 -10.72 44.10
C PRO C 52 -54.13 -9.39 43.87
N PHE C 53 -52.81 -9.35 43.98
CA PHE C 53 -52.04 -8.12 43.73
C PHE C 53 -51.95 -7.71 42.23
N LEU C 54 -52.56 -8.51 41.34
CA LEU C 54 -52.56 -8.25 39.89
C LEU C 54 -53.90 -7.84 39.30
N ARG C 55 -54.93 -7.85 40.13
CA ARG C 55 -56.24 -7.37 39.74
C ARG C 55 -56.23 -5.91 40.15
N ASP C 56 -56.05 -5.06 39.14
CA ASP C 56 -55.57 -3.68 39.28
C ASP C 56 -55.15 -3.22 37.87
N SER C 57 -55.44 -3.59 36.82
CA SER C 57 -54.84 -3.14 35.56
C SER C 57 -54.94 -1.61 35.44
N ASP C 58 -54.08 -0.97 36.23
CA ASP C 58 -53.74 0.44 36.18
C ASP C 58 -52.22 0.39 36.16
N VAL C 59 -51.64 -0.46 37.02
CA VAL C 59 -50.19 -0.60 37.13
C VAL C 59 -49.68 -1.68 36.17
N PRO C 60 -48.71 -1.33 35.32
CA PRO C 60 -48.11 -2.33 34.42
C PRO C 60 -47.46 -3.47 35.22
N LEU C 61 -47.59 -4.69 34.72
CA LEU C 61 -46.94 -5.86 35.31
C LEU C 61 -45.44 -5.67 35.49
N GLU C 62 -44.82 -5.03 34.50
CA GLU C 62 -43.38 -4.78 34.53
C GLU C 62 -42.91 -3.92 35.71
N THR C 63 -43.81 -3.15 36.32
CA THR C 63 -43.45 -2.25 37.42
C THR C 63 -44.06 -2.68 38.76
N ASN C 64 -45.11 -3.49 38.72
CA ASN C 64 -45.78 -3.97 39.93
C ASN C 64 -44.77 -4.46 41.00
N PRO C 65 -44.66 -3.68 42.09
CA PRO C 65 -43.74 -3.98 43.20
C PRO C 65 -43.95 -5.37 43.81
N LYS C 66 -45.20 -5.72 44.11
CA LYS C 66 -45.54 -7.01 44.67
C LYS C 66 -45.20 -8.17 43.75
N LEU C 67 -45.39 -7.98 42.45
CA LEU C 67 -44.98 -9.02 41.48
C LEU C 67 -43.48 -9.30 41.56
N LYS C 68 -42.65 -8.25 41.65
CA LYS C 68 -41.19 -8.50 41.64
C LYS C 68 -40.73 -9.34 42.83
N THR C 69 -41.29 -9.03 44.01
CA THR C 69 -41.01 -9.77 45.23
C THR C 69 -41.52 -11.21 45.18
N HIS C 70 -42.75 -11.36 44.68
CA HIS C 70 -43.33 -12.68 44.54
C HIS C 70 -42.56 -13.55 43.53
N ALA C 71 -42.25 -12.97 42.37
CA ALA C 71 -41.65 -13.72 41.27
C ALA C 71 -40.25 -14.24 41.63
N VAL C 72 -39.46 -13.39 42.30
CA VAL C 72 -38.12 -13.79 42.70
C VAL C 72 -38.20 -14.93 43.75
N SER C 73 -39.15 -14.80 44.66
CA SER C 73 -39.36 -15.77 45.73
C SER C 73 -39.70 -17.18 45.13
N VAL C 74 -40.66 -17.22 44.20
CA VAL C 74 -41.02 -18.47 43.51
C VAL C 74 -39.95 -18.99 42.55
N PHE C 75 -39.35 -18.11 41.74
CA PHE C 75 -38.24 -18.56 40.90
C PHE C 75 -37.06 -19.20 41.70
N VAL C 76 -36.62 -18.50 42.74
CA VAL C 76 -35.54 -19.01 43.60
C VAL C 76 -35.93 -20.31 44.28
N MET C 77 -37.16 -20.38 44.80
CA MET C 77 -37.68 -21.62 45.42
C MET C 77 -37.62 -22.82 44.47
N THR C 78 -38.05 -22.59 43.23
CA THR C 78 -38.01 -23.64 42.21
C THR C 78 -36.58 -24.08 41.92
N CYS C 79 -35.69 -23.11 41.71
CA CYS C 79 -34.33 -23.44 41.29
C CYS C 79 -33.56 -24.15 42.42
N GLU C 80 -33.83 -23.74 43.65
CA GLU C 80 -33.15 -24.32 44.81
C GLU C 80 -33.71 -25.72 45.00
N ALA C 81 -35.01 -25.92 44.75
CA ALA C 81 -35.59 -27.25 44.80
C ALA C 81 -34.90 -28.17 43.79
N ALA C 82 -34.68 -27.67 42.57
CA ALA C 82 -33.95 -28.45 41.58
C ALA C 82 -32.48 -28.70 41.99
N ALA C 83 -31.79 -27.68 42.48
CA ALA C 83 -30.35 -27.82 42.79
C ALA C 83 -30.06 -28.73 43.99
N GLN C 84 -31.09 -28.91 44.83
CA GLN C 84 -30.98 -29.73 46.06
C GLN C 84 -31.60 -31.12 45.88
N LEU C 85 -32.20 -31.37 44.72
CA LEU C 85 -32.97 -32.59 44.49
C LEU C 85 -32.18 -33.91 44.60
N ARG C 86 -31.01 -33.99 43.98
CA ARG C 86 -30.20 -35.22 44.14
C ARG C 86 -29.62 -35.31 45.56
N LYS C 87 -29.02 -34.21 46.01
CA LYS C 87 -28.40 -34.11 47.32
C LYS C 87 -29.35 -34.48 48.49
N ALA C 88 -30.61 -34.06 48.40
CA ALA C 88 -31.62 -34.44 49.41
C ALA C 88 -32.35 -35.77 49.14
N GLY C 89 -32.28 -36.25 47.91
CA GLY C 89 -33.05 -37.40 47.47
C GLY C 89 -34.55 -37.16 47.38
N LYS C 90 -34.95 -35.90 47.50
CA LYS C 90 -36.36 -35.50 47.45
C LYS C 90 -36.47 -33.99 47.16
N ILE C 91 -37.68 -33.55 46.79
CA ILE C 91 -37.97 -32.12 46.67
C ILE C 91 -37.97 -31.47 48.05
N THR C 92 -37.22 -30.37 48.18
CA THR C 92 -37.25 -29.56 49.41
C THR C 92 -37.63 -28.15 49.08
N VAL C 93 -38.28 -27.49 50.04
CA VAL C 93 -38.54 -26.06 49.96
C VAL C 93 -38.03 -25.40 51.24
N ARG C 94 -37.61 -24.15 51.11
CA ARG C 94 -36.93 -23.41 52.19
C ARG C 94 -37.91 -22.31 52.55
N GLU C 95 -38.57 -22.46 53.70
CA GLU C 95 -39.54 -21.47 54.22
C GLU C 95 -41.01 -21.61 53.81
N THR C 96 -41.36 -22.79 53.30
CA THR C 96 -42.73 -23.27 53.32
C THR C 96 -42.64 -24.76 53.51
N THR C 97 -43.78 -25.43 53.39
CA THR C 97 -43.85 -26.88 53.32
C THR C 97 -44.65 -27.22 52.07
N LEU C 98 -44.45 -28.44 51.58
CA LEU C 98 -45.30 -29.00 50.53
C LEU C 98 -46.77 -28.92 50.89
N LYS C 99 -47.11 -29.18 52.15
CA LYS C 99 -48.51 -29.16 52.59
C LYS C 99 -49.14 -27.78 52.44
N ARG C 100 -48.47 -26.77 53.00
CA ARG C 100 -48.87 -25.36 52.81
C ARG C 100 -49.03 -25.06 51.32
N LEU C 101 -48.02 -25.39 50.51
CA LEU C 101 -48.11 -25.17 49.05
C LEU C 101 -49.37 -25.77 48.37
N GLY C 102 -49.64 -27.04 48.65
CA GLY C 102 -50.82 -27.74 48.11
C GLY C 102 -52.12 -27.05 48.51
N GLY C 103 -52.21 -26.75 49.81
CA GLY C 103 -53.34 -26.04 50.38
C GLY C 103 -53.61 -24.75 49.64
N THR C 104 -52.59 -23.87 49.57
CA THR C 104 -52.71 -22.59 48.84
C THR C 104 -53.12 -22.74 47.37
N HIS C 105 -52.43 -23.60 46.64
CA HIS C 105 -52.71 -23.73 45.23
C HIS C 105 -54.06 -24.37 44.99
N LEU C 106 -54.50 -25.20 45.93
CA LEU C 106 -55.85 -25.74 45.85
C LEU C 106 -56.89 -24.62 46.09
N LYS C 107 -56.64 -23.76 47.09
CA LYS C 107 -57.56 -22.63 47.39
C LYS C 107 -57.67 -21.61 46.26
N TYR C 108 -56.56 -21.40 45.55
CA TYR C 108 -56.54 -20.50 44.42
C TYR C 108 -56.91 -21.13 43.08
N GLY C 109 -57.33 -22.40 43.07
CA GLY C 109 -57.88 -23.00 41.85
C GLY C 109 -56.87 -23.31 40.75
N VAL C 110 -55.66 -23.72 41.15
CA VAL C 110 -54.60 -23.91 40.18
C VAL C 110 -54.71 -25.29 39.53
N ALA C 111 -54.86 -25.25 38.22
CA ALA C 111 -55.26 -26.39 37.40
C ALA C 111 -54.07 -26.98 36.68
N ASP C 112 -54.23 -28.20 36.14
CA ASP C 112 -53.15 -28.88 35.41
C ASP C 112 -52.60 -27.98 34.33
N GLY C 113 -53.49 -27.28 33.63
CA GLY C 113 -53.09 -26.53 32.45
C GLY C 113 -52.25 -25.33 32.88
N HIS C 114 -52.49 -24.81 34.10
CA HIS C 114 -51.64 -23.73 34.64
C HIS C 114 -50.21 -24.24 34.84
N PHE C 115 -50.06 -25.43 35.43
CA PHE C 115 -48.72 -25.95 35.67
C PHE C 115 -48.02 -26.23 34.34
N GLU C 116 -48.76 -26.64 33.32
CA GLU C 116 -48.14 -26.90 32.00
C GLU C 116 -47.62 -25.61 31.39
N VAL C 117 -48.43 -24.57 31.41
CA VAL C 117 -47.97 -23.29 30.91
C VAL C 117 -46.76 -22.77 31.69
N THR C 118 -46.82 -22.83 33.02
CA THR C 118 -45.69 -22.39 33.84
C THR C 118 -44.42 -23.17 33.57
N ARG C 119 -44.51 -24.48 33.34
CA ARG C 119 -43.32 -25.30 32.98
C ARG C 119 -42.65 -24.80 31.70
N PHE C 120 -43.46 -24.60 30.65
CA PHE C 120 -42.95 -24.06 29.40
C PHE C 120 -42.31 -22.71 29.62
N ALA C 121 -43.00 -21.82 30.35
CA ALA C 121 -42.46 -20.48 30.61
C ALA C 121 -41.12 -20.51 31.36
N LEU C 122 -40.99 -21.47 32.28
CA LEU C 122 -39.76 -21.58 33.06
C LEU C 122 -38.63 -22.04 32.14
N LEU C 123 -38.91 -23.04 31.31
CA LEU C 123 -37.87 -23.55 30.41
C LEU C 123 -37.43 -22.51 29.34
N GLU C 124 -38.37 -21.73 28.80
CA GLU C 124 -37.95 -20.60 27.93
C GLU C 124 -37.12 -19.55 28.69
N THR C 125 -37.47 -19.26 29.94
CA THR C 125 -36.75 -18.24 30.68
C THR C 125 -35.32 -18.74 30.92
N ILE C 126 -35.20 -20.01 31.31
CA ILE C 126 -33.89 -20.57 31.58
C ILE C 126 -33.02 -20.56 30.29
N LYS C 127 -33.57 -21.04 29.19
CA LYS C 127 -32.92 -20.99 27.86
C LYS C 127 -32.28 -19.61 27.60
N GLU C 128 -33.07 -18.55 27.75
CA GLU C 128 -32.54 -17.21 27.44
C GLU C 128 -31.60 -16.66 28.46
N ALA C 129 -31.43 -17.40 29.57
CA ALA C 129 -30.60 -16.99 30.71
C ALA C 129 -29.21 -17.64 30.62
N LEU C 130 -29.06 -18.55 29.68
CA LEU C 130 -27.86 -19.35 29.50
C LEU C 130 -27.17 -19.18 28.13
N PRO C 131 -25.84 -19.27 28.08
CA PRO C 131 -25.13 -19.33 26.79
C PRO C 131 -25.71 -20.42 25.92
N ALA C 132 -25.84 -20.24 24.60
CA ALA C 132 -26.46 -21.27 23.75
C ALA C 132 -25.73 -22.61 23.76
N ASP C 133 -24.44 -22.55 24.11
CA ASP C 133 -23.53 -23.70 24.32
C ASP C 133 -23.93 -24.67 25.42
N MET C 134 -24.55 -24.14 26.49
CA MET C 134 -25.05 -24.98 27.59
C MET C 134 -26.44 -25.55 27.32
N TRP C 135 -27.07 -25.08 26.25
CA TRP C 135 -28.47 -25.38 26.00
C TRP C 135 -28.65 -26.52 25.02
N GLY C 136 -29.72 -27.28 25.19
CA GLY C 136 -29.96 -28.46 24.39
C GLY C 136 -30.93 -29.36 25.14
N PRO C 137 -31.43 -30.39 24.47
CA PRO C 137 -32.52 -31.20 25.01
C PRO C 137 -32.14 -31.86 26.33
N GLU C 138 -30.84 -32.09 26.58
CA GLU C 138 -30.41 -32.61 27.87
C GLU C 138 -30.60 -31.57 28.97
N MET C 139 -30.17 -30.34 28.69
CA MET C 139 -30.38 -29.25 29.62
C MET C 139 -31.88 -28.98 29.87
N ARG C 140 -32.69 -28.89 28.81
CA ARG C 140 -34.14 -28.63 28.90
C ARG C 140 -34.80 -29.72 29.73
N ASN C 141 -34.45 -30.97 29.44
CA ASN C 141 -35.03 -32.11 30.11
C ASN C 141 -34.70 -32.19 31.59
N ALA C 142 -33.46 -31.88 31.95
CA ALA C 142 -33.09 -31.90 33.35
C ALA C 142 -33.96 -30.94 34.18
N TRP C 143 -34.11 -29.72 33.66
CA TRP C 143 -34.97 -28.71 34.29
C TRP C 143 -36.42 -29.08 34.26
N GLY C 144 -36.87 -29.65 33.14
CA GLY C 144 -38.26 -30.03 33.00
C GLY C 144 -38.58 -31.10 34.02
N GLU C 145 -37.67 -32.08 34.16
CA GLU C 145 -37.91 -33.19 35.10
C GLU C 145 -37.85 -32.78 36.55
N ALA C 146 -36.93 -31.89 36.91
CA ALA C 146 -36.92 -31.34 38.27
C ALA C 146 -38.23 -30.56 38.55
N TYR C 147 -38.64 -29.74 37.59
CA TYR C 147 -39.90 -29.02 37.75
C TYR C 147 -41.04 -29.98 37.93
N ASP C 148 -41.06 -31.03 37.11
CA ASP C 148 -42.14 -32.02 37.19
C ASP C 148 -42.24 -32.69 38.57
N GLN C 149 -41.10 -32.99 39.16
CA GLN C 149 -41.07 -33.59 40.50
C GLN C 149 -41.55 -32.59 41.53
N LEU C 150 -41.18 -31.34 41.34
CA LEU C 150 -41.67 -30.29 42.24
C LEU C 150 -43.20 -30.22 42.13
N VAL C 151 -43.73 -30.16 40.92
CA VAL C 151 -45.18 -30.03 40.74
C VAL C 151 -45.91 -31.27 41.29
N ALA C 152 -45.34 -32.45 41.01
CA ALA C 152 -45.89 -33.70 41.50
C ALA C 152 -45.99 -33.74 43.01
N ALA C 153 -44.98 -33.20 43.69
CA ALA C 153 -44.97 -33.14 45.15
C ALA C 153 -45.99 -32.10 45.67
N ILE C 154 -46.20 -31.02 44.94
CA ILE C 154 -47.28 -30.10 45.35
C ILE C 154 -48.69 -30.72 45.12
N LYS C 155 -48.83 -31.39 43.98
CA LYS C 155 -50.10 -31.93 43.52
C LYS C 155 -50.61 -33.01 44.46
N GLN C 156 -49.66 -33.70 45.11
CA GLN C 156 -50.01 -34.72 46.10
C GLN C 156 -50.73 -34.12 47.32
N GLU C 157 -50.40 -32.88 47.65
CA GLU C 157 -51.07 -32.17 48.73
C GLU C 157 -52.28 -31.36 48.26
N MET C 158 -52.69 -31.55 47.01
CA MET C 158 -53.92 -30.97 46.45
C MET C 158 -55.02 -32.01 46.19
N LYS C 159 -54.73 -33.27 46.48
CA LYS C 159 -55.66 -34.38 46.17
C LYS C 159 -55.97 -35.20 47.43
N PRO C 160 -57.10 -35.93 47.42
CA PRO C 160 -57.44 -36.84 48.54
C PRO C 160 -56.33 -37.83 48.88
N VAL D 9 -1.03 26.48 -21.57
CA VAL D 9 -0.50 26.23 -22.95
C VAL D 9 0.97 25.71 -22.90
N PHE D 10 1.74 25.90 -23.96
CA PHE D 10 3.17 25.64 -23.98
C PHE D 10 3.70 26.82 -24.79
N SER D 11 4.59 27.62 -24.18
CA SER D 11 5.11 28.82 -24.82
C SER D 11 5.93 28.57 -26.09
N GLU D 12 5.99 29.60 -26.94
CA GLU D 12 6.79 29.59 -28.15
C GLU D 12 8.26 29.28 -27.87
N GLU D 13 8.82 29.88 -26.82
CA GLU D 13 10.22 29.63 -26.41
C GLU D 13 10.49 28.15 -26.06
N LYS D 14 9.55 27.56 -25.33
CA LYS D 14 9.74 26.18 -24.86
C LYS D 14 9.58 25.21 -26.02
N GLU D 15 8.63 25.49 -26.88
CA GLU D 15 8.46 24.72 -28.10
C GLU D 15 9.76 24.77 -28.86
N ALA D 16 10.34 25.97 -28.95
CA ALA D 16 11.55 26.05 -29.75
C ALA D 16 12.67 25.24 -29.13
N LEU D 17 12.77 25.19 -27.81
CA LEU D 17 13.82 24.37 -27.19
C LEU D 17 13.53 22.89 -27.53
N VAL D 18 12.26 22.48 -27.45
CA VAL D 18 11.93 21.06 -27.66
C VAL D 18 12.23 20.63 -29.12
N LEU D 19 11.81 21.48 -30.06
CA LEU D 19 12.03 21.21 -31.48
C LEU D 19 13.50 21.09 -31.87
N LYS D 20 14.33 22.02 -31.43
CA LYS D 20 15.74 21.93 -31.84
C LYS D 20 16.45 20.71 -31.23
N SER D 21 16.04 20.31 -30.02
CA SER D 21 16.70 19.16 -29.37
C SER D 21 16.13 17.86 -29.96
N TRP D 22 14.83 17.81 -30.14
CA TRP D 22 14.21 16.67 -30.82
C TRP D 22 14.80 16.47 -32.23
N ALA D 23 15.12 17.56 -32.91
CA ALA D 23 15.75 17.44 -34.24
C ALA D 23 17.04 16.63 -34.19
N ILE D 24 17.83 16.82 -33.13
CA ILE D 24 19.05 16.02 -32.95
C ILE D 24 18.74 14.57 -32.54
N MET D 25 17.93 14.43 -31.49
CA MET D 25 17.68 13.14 -30.85
C MET D 25 16.93 12.12 -31.74
N LYS D 26 16.05 12.61 -32.62
CA LYS D 26 15.27 11.75 -33.55
C LYS D 26 16.17 10.84 -34.40
N LYS D 27 17.38 11.31 -34.67
CA LYS D 27 18.37 10.59 -35.48
C LYS D 27 19.00 9.42 -34.71
N ASP D 28 18.71 9.34 -33.41
CA ASP D 28 19.34 8.34 -32.57
C ASP D 28 18.33 7.66 -31.63
N SER D 29 17.05 7.70 -32.00
CA SER D 29 15.98 7.29 -31.10
C SER D 29 16.07 5.85 -30.62
N ALA D 30 16.52 4.91 -31.45
CA ALA D 30 16.67 3.54 -30.92
C ALA D 30 17.63 3.49 -29.75
N ASN D 31 18.84 4.05 -29.91
CA ASN D 31 19.86 4.05 -28.86
C ASN D 31 19.38 4.85 -27.64
N LEU D 32 18.84 6.03 -27.90
CA LEU D 32 18.35 6.89 -26.82
C LEU D 32 17.18 6.25 -26.05
N GLY D 33 16.30 5.53 -26.75
CA GLY D 33 15.17 4.92 -26.05
C GLY D 33 15.69 3.87 -25.08
N LEU D 34 16.67 3.08 -25.54
CA LEU D 34 17.21 2.07 -24.66
C LEU D 34 17.93 2.69 -23.50
N ARG D 35 18.74 3.71 -23.76
CA ARG D 35 19.41 4.40 -22.64
C ARG D 35 18.43 4.95 -21.60
N PHE D 36 17.30 5.43 -22.06
CA PHE D 36 16.24 6.00 -21.20
C PHE D 36 15.73 4.93 -20.24
N PHE D 37 15.41 3.76 -20.80
CA PHE D 37 14.92 2.67 -19.95
C PHE D 37 16.01 2.08 -19.05
N LEU D 38 17.21 1.91 -19.54
CA LEU D 38 18.31 1.43 -18.69
C LEU D 38 18.52 2.41 -17.53
N LYS D 39 18.33 3.70 -17.79
CA LYS D 39 18.45 4.68 -16.71
C LYS D 39 17.32 4.54 -15.68
N ILE D 40 16.09 4.35 -16.14
CA ILE D 40 14.96 4.07 -15.24
C ILE D 40 15.30 2.91 -14.33
N PHE D 41 15.84 1.83 -14.92
CA PHE D 41 16.09 0.61 -14.12
C PHE D 41 17.34 0.70 -13.26
N GLU D 42 18.29 1.57 -13.62
CA GLU D 42 19.43 1.89 -12.76
C GLU D 42 18.92 2.61 -11.51
N ILE D 43 18.04 3.58 -11.74
CA ILE D 43 17.49 4.32 -10.57
C ILE D 43 16.66 3.39 -9.71
N ALA D 44 15.77 2.61 -10.32
CA ALA D 44 14.78 1.82 -9.59
C ALA D 44 14.72 0.43 -10.20
N PRO D 45 15.63 -0.46 -9.78
CA PRO D 45 15.65 -1.85 -10.29
C PRO D 45 14.28 -2.53 -10.13
N SER D 46 13.55 -2.17 -9.08
CA SER D 46 12.26 -2.75 -8.77
C SER D 46 11.23 -2.54 -9.90
N ALA D 47 11.34 -1.40 -10.58
CA ALA D 47 10.49 -1.15 -11.74
C ALA D 47 10.62 -2.18 -12.88
N ARG D 48 11.76 -2.86 -12.99
CA ARG D 48 11.96 -3.94 -13.99
C ARG D 48 10.81 -4.97 -13.95
N GLN D 49 10.40 -5.34 -12.74
CA GLN D 49 9.38 -6.38 -12.47
C GLN D 49 7.99 -6.00 -12.91
N MET D 50 7.80 -4.74 -13.26
CA MET D 50 6.51 -4.29 -13.76
C MET D 50 6.26 -4.76 -15.16
N PHE D 51 7.34 -5.07 -15.87
CA PHE D 51 7.27 -5.41 -17.27
C PHE D 51 7.39 -6.92 -17.41
N PRO D 52 6.30 -7.55 -17.88
CA PRO D 52 6.24 -9.00 -18.07
C PRO D 52 7.42 -9.56 -18.84
N PHE D 53 7.82 -8.91 -19.95
CA PHE D 53 8.97 -9.33 -20.77
C PHE D 53 10.37 -9.24 -20.12
N LEU D 54 10.45 -8.68 -18.91
CA LEU D 54 11.72 -8.47 -18.21
C LEU D 54 11.81 -9.25 -16.91
N ARG D 55 10.84 -10.13 -16.65
CA ARG D 55 10.87 -10.90 -15.41
C ARG D 55 11.77 -12.06 -15.74
N ASP D 56 12.65 -12.42 -14.79
CA ASP D 56 13.71 -13.43 -15.00
C ASP D 56 15.08 -12.86 -15.43
N SER D 57 16.04 -12.90 -14.50
CA SER D 57 17.38 -12.35 -14.70
C SER D 57 18.31 -13.14 -15.65
N ASP D 58 17.77 -14.08 -16.43
CA ASP D 58 18.50 -14.61 -17.59
C ASP D 58 18.77 -13.46 -18.55
N VAL D 59 17.82 -12.52 -18.61
CA VAL D 59 17.99 -11.19 -19.24
C VAL D 59 18.86 -11.25 -20.51
N PRO D 60 20.00 -10.54 -20.62
CA PRO D 60 20.33 -9.29 -19.89
C PRO D 60 19.51 -8.10 -20.43
N LEU D 61 19.26 -7.07 -19.60
CA LEU D 61 18.50 -5.88 -20.01
C LEU D 61 19.00 -5.22 -21.28
N GLU D 62 20.32 -5.04 -21.36
CA GLU D 62 20.97 -4.34 -22.46
C GLU D 62 20.80 -5.08 -23.79
N THR D 63 20.51 -6.37 -23.72
CA THR D 63 20.31 -7.20 -24.90
C THR D 63 18.84 -7.55 -25.23
N ASN D 64 17.99 -7.59 -24.20
CA ASN D 64 16.58 -7.96 -24.33
C ASN D 64 15.94 -7.36 -25.58
N PRO D 65 15.61 -8.20 -26.57
CA PRO D 65 15.02 -7.70 -27.81
C PRO D 65 13.68 -6.97 -27.61
N LYS D 66 12.82 -7.45 -26.71
CA LYS D 66 11.53 -6.81 -26.49
C LYS D 66 11.71 -5.42 -25.83
N LEU D 67 12.69 -5.32 -24.93
CA LEU D 67 12.97 -4.00 -24.31
C LEU D 67 13.33 -2.98 -25.37
N LYS D 68 14.15 -3.37 -26.35
CA LYS D 68 14.58 -2.46 -27.42
C LYS D 68 13.42 -1.89 -28.22
N THR D 69 12.47 -2.75 -28.54
CA THR D 69 11.29 -2.36 -29.30
C THR D 69 10.39 -1.48 -28.47
N HIS D 70 10.15 -1.87 -27.23
CA HIS D 70 9.23 -1.11 -26.38
C HIS D 70 9.82 0.29 -26.07
N ALA D 71 11.11 0.32 -25.71
CA ALA D 71 11.80 1.58 -25.37
C ALA D 71 11.74 2.62 -26.47
N VAL D 72 12.06 2.24 -27.70
CA VAL D 72 12.00 3.20 -28.78
C VAL D 72 10.58 3.71 -28.96
N SER D 73 9.60 2.82 -28.82
CA SER D 73 8.21 3.23 -29.01
C SER D 73 7.82 4.33 -28.00
N VAL D 74 8.14 4.11 -26.72
CA VAL D 74 7.73 5.03 -25.69
C VAL D 74 8.57 6.33 -25.77
N PHE D 75 9.86 6.20 -26.06
CA PHE D 75 10.69 7.39 -26.16
C PHE D 75 10.18 8.30 -27.31
N VAL D 76 9.86 7.69 -28.46
CA VAL D 76 9.35 8.50 -29.60
C VAL D 76 8.00 9.10 -29.30
N MET D 77 7.08 8.30 -28.78
CA MET D 77 5.77 8.84 -28.36
C MET D 77 5.94 10.05 -27.42
N THR D 78 6.83 9.92 -26.44
CA THR D 78 7.02 10.97 -25.43
C THR D 78 7.61 12.22 -26.12
N CYS D 79 8.63 12.05 -26.95
CA CYS D 79 9.24 13.24 -27.58
C CYS D 79 8.29 13.89 -28.60
N GLU D 80 7.54 13.07 -29.34
CA GLU D 80 6.55 13.65 -30.27
C GLU D 80 5.41 14.34 -29.53
N ALA D 81 5.00 13.82 -28.37
CA ALA D 81 3.97 14.48 -27.59
C ALA D 81 4.45 15.90 -27.20
N ALA D 82 5.70 16.00 -26.78
CA ALA D 82 6.29 17.29 -26.43
C ALA D 82 6.42 18.20 -27.67
N ALA D 83 6.94 17.64 -28.75
CA ALA D 83 7.16 18.43 -29.95
C ALA D 83 5.86 18.97 -30.62
N GLN D 84 4.71 18.35 -30.34
CA GLN D 84 3.45 18.75 -30.97
C GLN D 84 2.56 19.50 -29.97
N LEU D 85 3.03 19.59 -28.73
CA LEU D 85 2.24 20.16 -27.65
C LEU D 85 1.71 21.56 -27.97
N ARG D 86 2.60 22.48 -28.33
CA ARG D 86 2.15 23.84 -28.65
C ARG D 86 1.30 23.87 -29.93
N LYS D 87 1.76 23.15 -30.95
CA LYS D 87 1.13 23.11 -32.28
C LYS D 87 -0.32 22.62 -32.25
N ALA D 88 -0.56 21.58 -31.46
CA ALA D 88 -1.87 20.96 -31.32
C ALA D 88 -2.65 21.55 -30.17
N GLY D 89 -1.99 22.33 -29.32
CA GLY D 89 -2.63 22.93 -28.16
C GLY D 89 -3.01 21.92 -27.09
N LYS D 90 -2.51 20.69 -27.23
CA LYS D 90 -2.79 19.64 -26.26
C LYS D 90 -1.77 18.53 -26.39
N ILE D 91 -1.70 17.68 -25.39
CA ILE D 91 -0.99 16.40 -25.52
C ILE D 91 -1.70 15.48 -26.52
N THR D 92 -0.92 14.91 -27.44
CA THR D 92 -1.41 13.90 -28.39
C THR D 92 -0.45 12.74 -28.25
N VAL D 93 -0.96 11.51 -28.43
CA VAL D 93 -0.07 10.34 -28.34
C VAL D 93 -0.16 9.49 -29.61
N ARG D 94 0.97 9.40 -30.29
CA ARG D 94 1.19 8.66 -31.52
C ARG D 94 0.51 7.29 -31.58
N GLU D 95 -0.35 7.08 -32.57
CA GLU D 95 -0.99 5.76 -32.79
C GLU D 95 -1.89 5.23 -31.67
N THR D 96 -2.25 6.09 -30.71
CA THR D 96 -3.06 5.61 -29.58
C THR D 96 -3.84 6.72 -28.95
N THR D 97 -4.34 6.48 -27.74
CA THR D 97 -5.30 7.36 -27.15
C THR D 97 -4.86 7.51 -25.66
N LEU D 98 -5.12 8.66 -25.05
CA LEU D 98 -4.90 8.85 -23.60
C LEU D 98 -5.73 7.90 -22.76
N LYS D 99 -6.96 7.64 -23.19
CA LYS D 99 -7.82 6.72 -22.45
C LYS D 99 -7.24 5.29 -22.48
N ARG D 100 -6.73 4.88 -23.62
CA ARG D 100 -6.10 3.55 -23.71
C ARG D 100 -4.82 3.50 -22.84
N LEU D 101 -4.02 4.58 -22.89
CA LEU D 101 -2.86 4.62 -22.03
C LEU D 101 -3.18 4.60 -20.57
N GLY D 102 -4.16 5.38 -20.11
CA GLY D 102 -4.61 5.35 -18.72
C GLY D 102 -5.06 3.95 -18.29
N GLY D 103 -5.92 3.35 -19.09
CA GLY D 103 -6.29 1.92 -18.99
C GLY D 103 -5.12 0.99 -18.77
N THR D 104 -4.18 0.95 -19.68
CA THR D 104 -3.01 0.06 -19.54
C THR D 104 -2.25 0.36 -18.25
N HIS D 105 -1.98 1.64 -17.97
CA HIS D 105 -1.09 1.91 -16.84
C HIS D 105 -1.74 1.57 -15.50
N LEU D 106 -3.05 1.78 -15.42
CA LEU D 106 -3.84 1.34 -14.28
C LEU D 106 -3.79 -0.19 -14.11
N LYS D 107 -3.98 -0.94 -15.19
CA LYS D 107 -3.94 -2.41 -15.11
C LYS D 107 -2.58 -2.93 -14.67
N TYR D 108 -1.51 -2.24 -15.07
CA TYR D 108 -0.17 -2.65 -14.66
C TYR D 108 0.32 -2.09 -13.32
N GLY D 109 -0.53 -1.39 -12.59
CA GLY D 109 -0.16 -0.93 -11.25
C GLY D 109 0.85 0.22 -11.22
N VAL D 110 0.84 1.05 -12.26
CA VAL D 110 1.81 2.16 -12.28
C VAL D 110 1.41 3.33 -11.38
N ALA D 111 2.35 3.76 -10.53
CA ALA D 111 2.10 4.69 -9.43
C ALA D 111 2.85 6.02 -9.61
N ASP D 112 2.51 7.03 -8.80
CA ASP D 112 3.12 8.35 -8.95
C ASP D 112 4.62 8.30 -8.85
N GLY D 113 5.15 7.44 -7.95
CA GLY D 113 6.58 7.34 -7.78
C GLY D 113 7.29 6.87 -9.05
N HIS D 114 6.63 5.97 -9.79
CA HIS D 114 7.19 5.48 -11.05
C HIS D 114 7.33 6.64 -12.02
N PHE D 115 6.30 7.49 -12.13
CA PHE D 115 6.37 8.59 -13.09
C PHE D 115 7.46 9.61 -12.69
N GLU D 116 7.72 9.72 -11.37
CA GLU D 116 8.78 10.62 -10.90
C GLU D 116 10.15 10.12 -11.30
N VAL D 117 10.37 8.84 -11.13
CA VAL D 117 11.66 8.25 -11.54
C VAL D 117 11.85 8.38 -13.04
N THR D 118 10.83 8.05 -13.82
CA THR D 118 10.92 8.05 -15.26
C THR D 118 11.18 9.49 -15.77
N ARG D 119 10.54 10.45 -15.15
CA ARG D 119 10.82 11.86 -15.52
C ARG D 119 12.30 12.23 -15.32
N PHE D 120 12.86 11.86 -14.17
CA PHE D 120 14.24 12.19 -13.96
C PHE D 120 15.13 11.44 -14.96
N ALA D 121 14.77 10.19 -15.25
CA ALA D 121 15.58 9.40 -16.14
C ALA D 121 15.49 9.97 -17.57
N LEU D 122 14.32 10.48 -17.94
CA LEU D 122 14.20 11.07 -19.27
C LEU D 122 15.12 12.30 -19.38
N LEU D 123 15.10 13.13 -18.34
CA LEU D 123 15.86 14.39 -18.44
C LEU D 123 17.36 14.11 -18.44
N GLU D 124 17.81 13.13 -17.66
CA GLU D 124 19.23 12.76 -17.67
C GLU D 124 19.67 12.16 -19.04
N THR D 125 18.78 11.39 -19.64
CA THR D 125 19.04 10.86 -20.98
C THR D 125 19.12 11.92 -22.05
N ILE D 126 18.20 12.90 -22.00
CA ILE D 126 18.20 13.94 -23.00
C ILE D 126 19.48 14.77 -22.79
N LYS D 127 19.79 15.06 -21.55
CA LYS D 127 20.97 15.83 -21.22
C LYS D 127 22.21 15.25 -21.92
N GLU D 128 22.36 13.92 -21.86
CA GLU D 128 23.52 13.27 -22.44
C GLU D 128 23.48 13.06 -23.94
N ALA D 129 22.30 13.29 -24.52
CA ALA D 129 22.08 13.26 -25.94
C ALA D 129 22.31 14.62 -26.65
N LEU D 130 22.58 15.67 -25.88
CA LEU D 130 22.68 17.03 -26.46
C LEU D 130 24.05 17.67 -26.21
N PRO D 131 24.50 18.53 -27.11
CA PRO D 131 25.74 19.29 -26.85
C PRO D 131 25.58 20.08 -25.57
N ALA D 132 26.65 20.22 -24.79
CA ALA D 132 26.59 20.91 -23.50
C ALA D 132 26.04 22.34 -23.64
N ASP D 133 26.29 22.95 -24.81
CA ASP D 133 25.87 24.31 -25.20
C ASP D 133 24.35 24.51 -25.21
N MET D 134 23.63 23.45 -25.60
CA MET D 134 22.18 23.47 -25.65
C MET D 134 21.53 23.33 -24.29
N TRP D 135 22.30 22.87 -23.32
CA TRP D 135 21.70 22.44 -22.06
C TRP D 135 21.72 23.59 -21.07
N GLY D 136 20.84 23.50 -20.10
CA GLY D 136 20.76 24.48 -19.06
C GLY D 136 19.37 24.34 -18.43
N PRO D 137 19.07 25.24 -17.51
CA PRO D 137 17.84 25.14 -16.75
C PRO D 137 16.63 25.38 -17.67
N GLU D 138 16.76 26.17 -18.73
CA GLU D 138 15.56 26.34 -19.57
C GLU D 138 15.25 25.12 -20.49
N MET D 139 16.29 24.52 -21.08
CA MET D 139 16.07 23.26 -21.86
C MET D 139 15.55 22.13 -20.93
N ARG D 140 16.15 21.97 -19.75
CA ARG D 140 15.63 21.01 -18.80
C ARG D 140 14.18 21.30 -18.45
N ASN D 141 13.88 22.58 -18.21
CA ASN D 141 12.54 22.92 -17.77
C ASN D 141 11.48 22.72 -18.85
N ALA D 142 11.85 22.97 -20.11
CA ALA D 142 10.91 22.83 -21.22
C ALA D 142 10.51 21.34 -21.32
N TRP D 143 11.52 20.47 -21.30
CA TRP D 143 11.24 19.03 -21.37
C TRP D 143 10.48 18.51 -20.14
N GLY D 144 10.90 18.96 -18.97
CA GLY D 144 10.24 18.60 -17.71
C GLY D 144 8.77 18.99 -17.74
N GLU D 145 8.47 20.22 -18.20
CA GLU D 145 7.05 20.66 -18.30
C GLU D 145 6.17 19.92 -19.31
N ALA D 146 6.71 19.67 -20.48
CA ALA D 146 6.03 18.89 -21.49
C ALA D 146 5.76 17.48 -20.94
N TYR D 147 6.78 16.89 -20.30
CA TYR D 147 6.61 15.55 -19.71
C TYR D 147 5.53 15.57 -18.65
N ASP D 148 5.56 16.56 -17.78
CA ASP D 148 4.50 16.72 -16.76
C ASP D 148 3.10 16.82 -17.36
N GLN D 149 2.98 17.46 -18.51
CA GLN D 149 1.64 17.58 -19.14
C GLN D 149 1.21 16.23 -19.73
N LEU D 150 2.13 15.53 -20.36
CA LEU D 150 1.86 14.18 -20.80
C LEU D 150 1.42 13.32 -19.62
N VAL D 151 2.18 13.32 -18.55
CA VAL D 151 1.86 12.44 -17.40
C VAL D 151 0.47 12.78 -16.78
N ALA D 152 0.20 14.07 -16.61
CA ALA D 152 -1.07 14.55 -16.07
C ALA D 152 -2.20 14.07 -16.95
N ALA D 153 -1.99 14.05 -18.26
CA ALA D 153 -3.03 13.67 -19.21
C ALA D 153 -3.31 12.16 -19.12
N ILE D 154 -2.24 11.35 -19.05
CA ILE D 154 -2.43 9.92 -18.77
C ILE D 154 -3.14 9.72 -17.40
N LYS D 155 -2.67 10.44 -16.37
CA LYS D 155 -3.19 10.29 -15.02
C LYS D 155 -4.68 10.57 -14.92
N GLN D 156 -5.17 11.51 -15.72
CA GLN D 156 -6.61 11.81 -15.71
C GLN D 156 -7.44 10.60 -16.11
N GLU D 157 -6.88 9.78 -16.99
CA GLU D 157 -7.54 8.56 -17.42
C GLU D 157 -7.22 7.36 -16.55
N MET D 158 -6.57 7.57 -15.41
CA MET D 158 -6.26 6.51 -14.44
C MET D 158 -7.03 6.74 -13.14
N LYS D 159 -7.82 7.80 -13.09
CA LYS D 159 -8.59 8.18 -11.88
C LYS D 159 -10.05 8.33 -12.23
N PRO D 160 -10.94 8.27 -11.24
CA PRO D 160 -12.39 8.50 -11.47
C PRO D 160 -12.77 9.80 -12.21
N VAL E 8 -58.90 0.74 10.77
CA VAL E 8 -60.12 0.90 11.64
C VAL E 8 -60.68 -0.44 12.15
N VAL E 9 -61.02 -1.35 11.23
CA VAL E 9 -61.19 -2.77 11.54
C VAL E 9 -59.77 -3.38 11.69
N PHE E 10 -58.98 -3.26 10.62
CA PHE E 10 -57.60 -3.72 10.56
C PHE E 10 -56.88 -2.70 9.67
N SER E 11 -55.85 -2.06 10.20
CA SER E 11 -55.18 -0.98 9.49
C SER E 11 -54.46 -1.44 8.23
N GLU E 12 -54.23 -0.49 7.32
CA GLU E 12 -53.41 -0.70 6.15
C GLU E 12 -52.04 -1.30 6.53
N GLU E 13 -51.40 -0.75 7.55
CA GLU E 13 -50.09 -1.20 7.98
C GLU E 13 -50.14 -2.67 8.44
N LYS E 14 -51.18 -3.05 9.17
CA LYS E 14 -51.31 -4.41 9.66
C LYS E 14 -51.59 -5.38 8.52
N GLU E 15 -52.48 -5.01 7.61
CA GLU E 15 -52.74 -5.80 6.43
C GLU E 15 -51.43 -6.05 5.63
N ALA E 16 -50.59 -5.04 5.49
CA ALA E 16 -49.38 -5.15 4.68
C ALA E 16 -48.44 -6.15 5.34
N LEU E 17 -48.37 -6.11 6.66
CA LEU E 17 -47.51 -7.03 7.42
C LEU E 17 -47.99 -8.49 7.28
N VAL E 18 -49.31 -8.66 7.37
CA VAL E 18 -49.91 -9.99 7.22
C VAL E 18 -49.70 -10.50 5.78
N LEU E 19 -49.94 -9.65 4.79
CA LEU E 19 -49.83 -10.05 3.39
C LEU E 19 -48.40 -10.53 3.01
N LYS E 20 -47.39 -9.75 3.36
CA LYS E 20 -46.03 -10.09 2.95
C LYS E 20 -45.51 -11.35 3.68
N SER E 21 -46.01 -11.57 4.89
CA SER E 21 -45.57 -12.73 5.63
C SER E 21 -46.31 -13.99 5.20
N TRP E 22 -47.60 -13.87 4.98
CA TRP E 22 -48.38 -14.99 4.45
C TRP E 22 -47.95 -15.36 3.00
N ALA E 23 -47.51 -14.36 2.21
CA ALA E 23 -46.94 -14.67 0.88
C ALA E 23 -45.83 -15.69 1.04
N ILE E 24 -45.10 -15.64 2.16
CA ILE E 24 -44.00 -16.57 2.32
C ILE E 24 -44.49 -17.88 2.91
N MET E 25 -45.24 -17.79 4.02
CA MET E 25 -45.60 -18.99 4.76
C MET E 25 -46.53 -19.91 3.93
N LYS E 26 -47.30 -19.33 3.02
CA LYS E 26 -48.27 -20.06 2.19
C LYS E 26 -47.61 -21.19 1.43
N LYS E 27 -46.37 -20.93 1.01
CA LYS E 27 -45.61 -21.92 0.25
C LYS E 27 -44.98 -23.00 1.12
N ASP E 28 -45.24 -22.95 2.42
CA ASP E 28 -44.70 -23.95 3.37
C ASP E 28 -45.77 -24.40 4.39
N SER E 29 -47.03 -24.28 4.01
CA SER E 29 -48.11 -24.45 4.97
C SER E 29 -48.22 -25.84 5.61
N ALA E 30 -47.86 -26.91 4.88
CA ALA E 30 -47.88 -28.27 5.45
C ALA E 30 -47.00 -28.40 6.69
N ASN E 31 -45.71 -28.08 6.53
CA ASN E 31 -44.75 -28.17 7.62
C ASN E 31 -45.12 -27.15 8.74
N LEU E 32 -45.52 -25.95 8.36
CA LEU E 32 -45.79 -24.91 9.39
C LEU E 32 -47.04 -25.20 10.19
N GLY E 33 -48.09 -25.65 9.52
CA GLY E 33 -49.32 -26.15 10.20
C GLY E 33 -49.02 -27.20 11.24
N LEU E 34 -48.28 -28.23 10.86
CA LEU E 34 -47.83 -29.22 11.83
C LEU E 34 -46.98 -28.68 12.96
N ARG E 35 -46.02 -27.80 12.66
CA ARG E 35 -45.17 -27.26 13.73
C ARG E 35 -46.02 -26.45 14.70
N PHE E 36 -47.04 -25.80 14.19
CA PHE E 36 -47.97 -25.00 15.02
C PHE E 36 -48.65 -25.88 16.03
N PHE E 37 -49.16 -27.04 15.57
CA PHE E 37 -49.85 -27.92 16.52
C PHE E 37 -48.93 -28.61 17.49
N LEU E 38 -47.74 -29.03 17.03
CA LEU E 38 -46.76 -29.59 17.93
C LEU E 38 -46.42 -28.56 19.03
N LYS E 39 -46.37 -27.27 18.69
CA LYS E 39 -46.07 -26.25 19.69
C LYS E 39 -47.20 -26.11 20.71
N ILE E 40 -48.44 -26.09 20.23
CA ILE E 40 -49.63 -26.16 21.11
C ILE E 40 -49.48 -27.30 22.13
N PHE E 41 -49.15 -28.50 21.65
CA PHE E 41 -49.07 -29.63 22.55
C PHE E 41 -47.82 -29.65 23.44
N GLU E 42 -46.75 -29.00 23.00
CA GLU E 42 -45.55 -28.83 23.84
C GLU E 42 -45.91 -27.95 25.04
N ILE E 43 -46.62 -26.85 24.76
CA ILE E 43 -46.98 -25.91 25.82
C ILE E 43 -48.00 -26.52 26.77
N ALA E 44 -48.97 -27.20 26.22
CA ALA E 44 -50.08 -27.71 27.01
C ALA E 44 -50.38 -29.15 26.55
N PRO E 45 -49.64 -30.14 27.07
CA PRO E 45 -49.86 -31.52 26.63
C PRO E 45 -51.31 -31.95 26.86
N SER E 46 -51.97 -31.38 27.85
CA SER E 46 -53.36 -31.70 28.10
C SER E 46 -54.29 -31.36 26.92
N ALA E 47 -53.90 -30.38 26.08
CA ALA E 47 -54.65 -30.05 24.86
C ALA E 47 -54.76 -31.24 23.91
N ARG E 48 -53.78 -32.14 23.94
CA ARG E 48 -53.83 -33.29 23.02
C ARG E 48 -55.10 -34.17 23.20
N GLN E 49 -55.53 -34.34 24.45
CA GLN E 49 -56.71 -35.16 24.78
C GLN E 49 -58.01 -34.53 24.30
N MET E 50 -58.02 -33.22 24.01
CA MET E 50 -59.22 -32.59 23.42
C MET E 50 -59.56 -33.24 22.07
N PHE E 51 -58.56 -33.83 21.42
CA PHE E 51 -58.69 -34.28 20.04
C PHE E 51 -58.94 -35.78 19.96
N PRO E 52 -60.03 -36.16 19.27
CA PRO E 52 -60.39 -37.57 19.05
C PRO E 52 -59.25 -38.43 18.51
N PHE E 53 -58.66 -37.99 17.40
CA PHE E 53 -57.62 -38.76 16.70
C PHE E 53 -56.30 -38.87 17.45
N LEU E 54 -56.22 -38.31 18.66
CA LEU E 54 -54.97 -38.23 19.41
C LEU E 54 -54.98 -38.92 20.79
N ARG E 55 -56.16 -39.22 21.31
CA ARG E 55 -56.30 -39.93 22.59
C ARG E 55 -55.68 -41.33 22.51
N ASP E 56 -55.77 -41.92 21.32
CA ASP E 56 -55.02 -43.15 21.00
C ASP E 56 -53.52 -42.83 20.95
N SER E 57 -52.80 -43.21 22.00
CA SER E 57 -51.33 -43.09 22.01
C SER E 57 -50.67 -44.06 21.00
N ASP E 58 -51.42 -44.45 19.96
CA ASP E 58 -50.82 -44.84 18.67
C ASP E 58 -49.78 -43.77 18.52
N VAL E 59 -48.58 -44.14 18.12
CA VAL E 59 -47.47 -43.29 18.51
C VAL E 59 -47.29 -41.99 17.67
N PRO E 60 -46.05 -41.53 17.44
CA PRO E 60 -45.71 -40.10 17.46
C PRO E 60 -46.69 -39.11 16.82
N LEU E 61 -46.85 -37.98 17.50
CA LEU E 61 -47.52 -36.80 16.95
C LEU E 61 -46.91 -36.40 15.59
N GLU E 62 -45.59 -36.50 15.51
CA GLU E 62 -44.78 -36.18 14.33
C GLU E 62 -45.15 -36.99 13.07
N THR E 63 -45.69 -38.20 13.26
CA THR E 63 -46.17 -39.07 12.16
C THR E 63 -47.67 -38.95 11.85
N ASN E 64 -48.51 -38.77 12.87
CA ASN E 64 -49.96 -38.93 12.73
C ASN E 64 -50.53 -38.19 11.52
N PRO E 65 -51.05 -38.92 10.54
CA PRO E 65 -51.45 -38.33 9.26
C PRO E 65 -52.72 -37.49 9.35
N LYS E 66 -53.68 -37.87 10.20
CA LYS E 66 -54.90 -37.09 10.37
C LYS E 66 -54.52 -35.72 10.99
N LEU E 67 -53.55 -35.75 11.90
CA LEU E 67 -53.03 -34.53 12.55
C LEU E 67 -52.41 -33.57 11.54
N LYS E 68 -51.63 -34.11 10.60
CA LYS E 68 -51.03 -33.27 9.55
C LYS E 68 -52.12 -32.65 8.69
N THR E 69 -53.19 -33.40 8.41
CA THR E 69 -54.28 -32.87 7.63
C THR E 69 -55.11 -31.82 8.40
N HIS E 70 -55.40 -32.13 9.67
CA HIS E 70 -56.14 -31.25 10.53
C HIS E 70 -55.35 -29.92 10.75
N ALA E 71 -54.08 -30.10 11.08
CA ALA E 71 -53.16 -29.00 11.37
C ALA E 71 -53.01 -28.03 10.17
N VAL E 72 -52.83 -28.54 8.96
CA VAL E 72 -52.66 -27.65 7.80
C VAL E 72 -53.96 -26.94 7.53
N SER E 73 -55.07 -27.65 7.69
CA SER E 73 -56.41 -27.06 7.51
C SER E 73 -56.65 -25.84 8.40
N VAL E 74 -56.33 -26.03 9.66
CA VAL E 74 -56.58 -24.96 10.63
C VAL E 74 -55.58 -23.81 10.42
N PHE E 75 -54.34 -24.16 10.12
CA PHE E 75 -53.33 -23.14 9.90
C PHE E 75 -53.68 -22.27 8.67
N VAL E 76 -54.07 -22.92 7.58
CA VAL E 76 -54.50 -22.17 6.39
C VAL E 76 -55.74 -21.32 6.60
N MET E 77 -56.74 -21.88 7.27
CA MET E 77 -57.95 -21.14 7.55
C MET E 77 -57.59 -19.87 8.37
N THR E 78 -56.75 -20.02 9.38
CA THR E 78 -56.38 -18.89 10.26
C THR E 78 -55.62 -17.80 9.52
N CYS E 79 -54.59 -18.18 8.78
CA CYS E 79 -53.79 -17.20 8.01
C CYS E 79 -54.65 -16.53 6.89
N GLU E 80 -55.53 -17.29 6.25
CA GLU E 80 -56.41 -16.72 5.21
C GLU E 80 -57.42 -15.75 5.83
N ALA E 81 -57.89 -16.07 7.04
CA ALA E 81 -58.79 -15.16 7.76
C ALA E 81 -58.08 -13.83 8.00
N ALA E 82 -56.85 -13.90 8.46
CA ALA E 82 -56.05 -12.68 8.66
C ALA E 82 -55.78 -11.88 7.38
N ALA E 83 -55.46 -12.61 6.32
CA ALA E 83 -55.02 -11.98 5.08
C ALA E 83 -56.19 -11.33 4.34
N GLN E 84 -57.40 -11.74 4.68
CA GLN E 84 -58.62 -11.23 4.04
C GLN E 84 -59.34 -10.21 4.93
N LEU E 85 -58.88 -10.07 6.17
CA LEU E 85 -59.63 -9.26 7.15
C LEU E 85 -59.87 -7.83 6.69
N ARG E 86 -58.81 -7.09 6.35
CA ARG E 86 -58.98 -5.70 5.92
C ARG E 86 -59.84 -5.58 4.64
N LYS E 87 -59.59 -6.47 3.68
CA LYS E 87 -60.30 -6.48 2.41
C LYS E 87 -61.82 -6.74 2.55
N ALA E 88 -62.17 -7.76 3.32
CA ALA E 88 -63.58 -8.12 3.54
C ALA E 88 -64.25 -7.22 4.56
N GLY E 89 -63.44 -6.51 5.35
CA GLY E 89 -63.96 -5.72 6.46
C GLY E 89 -64.49 -6.60 7.58
N LYS E 90 -64.18 -7.91 7.53
CA LYS E 90 -64.61 -8.87 8.55
C LYS E 90 -63.83 -10.21 8.52
N ILE E 91 -63.98 -10.99 9.58
CA ILE E 91 -63.52 -12.38 9.62
C ILE E 91 -64.36 -13.26 8.69
N THR E 92 -63.69 -13.92 7.73
CA THR E 92 -64.28 -15.03 6.97
C THR E 92 -63.46 -16.29 7.24
N VAL E 93 -64.09 -17.47 7.14
CA VAL E 93 -63.42 -18.75 7.42
C VAL E 93 -63.71 -19.68 6.27
N ARG E 94 -62.66 -20.06 5.55
CA ARG E 94 -62.81 -20.75 4.27
C ARG E 94 -63.53 -22.09 4.41
N GLU E 95 -64.46 -22.32 3.49
CA GLU E 95 -65.22 -23.57 3.43
C GLU E 95 -66.17 -23.85 4.64
N THR E 96 -66.35 -22.88 5.51
CA THR E 96 -67.24 -23.06 6.63
C THR E 96 -67.83 -21.75 7.04
N THR E 97 -68.30 -21.68 8.27
CA THR E 97 -69.03 -20.58 8.76
C THR E 97 -68.68 -20.46 10.26
N LEU E 98 -68.75 -19.23 10.78
CA LEU E 98 -68.48 -18.97 12.20
C LEU E 98 -69.46 -19.67 13.10
N LYS E 99 -70.74 -19.72 12.73
CA LYS E 99 -71.74 -20.50 13.49
C LYS E 99 -71.32 -21.96 13.61
N ARG E 100 -70.91 -22.55 12.49
CA ARG E 100 -70.49 -23.97 12.47
C ARG E 100 -69.22 -24.22 13.32
N LEU E 101 -68.22 -23.35 13.16
CA LEU E 101 -67.05 -23.39 14.01
C LEU E 101 -67.41 -23.22 15.51
N GLY E 102 -68.23 -22.24 15.84
CA GLY E 102 -68.70 -22.07 17.23
C GLY E 102 -69.33 -23.33 17.82
N GLY E 103 -70.25 -23.91 17.06
CA GLY E 103 -70.93 -25.11 17.52
C GLY E 103 -69.97 -26.23 17.79
N THR E 104 -69.03 -26.45 16.86
CA THR E 104 -68.05 -27.51 17.01
C THR E 104 -67.16 -27.28 18.23
N HIS E 105 -66.63 -26.07 18.38
CA HIS E 105 -65.75 -25.86 19.56
C HIS E 105 -66.47 -25.95 20.88
N LEU E 106 -67.75 -25.63 20.89
CA LEU E 106 -68.55 -25.80 22.10
C LEU E 106 -68.74 -27.30 22.42
N LYS E 107 -69.05 -28.07 21.37
CA LYS E 107 -69.28 -29.53 21.47
C LYS E 107 -68.04 -30.25 21.99
N TYR E 108 -66.88 -29.74 21.59
CA TYR E 108 -65.63 -30.30 22.05
C TYR E 108 -65.07 -29.66 23.36
N GLY E 109 -65.77 -28.70 23.97
CA GLY E 109 -65.35 -28.24 25.30
C GLY E 109 -64.16 -27.29 25.28
N VAL E 110 -63.94 -26.63 24.14
CA VAL E 110 -62.82 -25.68 24.05
C VAL E 110 -63.07 -24.43 24.89
N ALA E 111 -62.10 -24.04 25.72
CA ALA E 111 -62.29 -22.91 26.65
C ALA E 111 -61.32 -21.75 26.36
N ASP E 112 -61.49 -20.64 27.08
CA ASP E 112 -60.61 -19.46 26.89
C ASP E 112 -59.11 -19.75 27.01
N GLY E 113 -58.72 -20.54 28.01
CA GLY E 113 -57.33 -20.85 28.23
C GLY E 113 -56.69 -21.55 27.03
N HIS E 114 -57.49 -22.34 26.32
CA HIS E 114 -56.99 -23.08 25.14
C HIS E 114 -56.70 -22.08 24.04
N PHE E 115 -57.59 -21.10 23.86
CA PHE E 115 -57.37 -20.07 22.82
C PHE E 115 -56.14 -19.20 23.17
N GLU E 116 -55.87 -19.00 24.46
CA GLU E 116 -54.65 -18.27 24.84
C GLU E 116 -53.36 -18.99 24.44
N VAL E 117 -53.28 -20.25 24.82
CA VAL E 117 -52.14 -21.08 24.45
C VAL E 117 -51.94 -21.13 22.93
N THR E 118 -53.03 -21.31 22.21
CA THR E 118 -52.97 -21.43 20.75
C THR E 118 -52.52 -20.13 20.08
N ARG E 119 -52.97 -19.01 20.59
CA ARG E 119 -52.45 -17.71 20.10
C ARG E 119 -50.92 -17.65 20.24
N PHE E 120 -50.42 -17.96 21.43
CA PHE E 120 -49.00 -17.91 21.66
C PHE E 120 -48.28 -18.87 20.73
N ALA E 121 -48.80 -20.09 20.56
CA ALA E 121 -48.12 -21.10 19.71
C ALA E 121 -48.11 -20.67 18.24
N LEU E 122 -49.20 -20.03 17.78
CA LEU E 122 -49.25 -19.45 16.46
C LEU E 122 -48.17 -18.40 16.27
N LEU E 123 -48.10 -17.44 17.19
CA LEU E 123 -47.14 -16.33 17.02
C LEU E 123 -45.69 -16.83 17.04
N GLU E 124 -45.37 -17.77 17.94
CA GLU E 124 -44.03 -18.36 18.01
C GLU E 124 -43.71 -19.16 16.71
N THR E 125 -44.71 -19.83 16.18
CA THR E 125 -44.51 -20.57 14.92
C THR E 125 -44.21 -19.62 13.75
N ILE E 126 -44.98 -18.54 13.66
CA ILE E 126 -44.77 -17.48 12.66
C ILE E 126 -43.38 -16.84 12.82
N LYS E 127 -43.03 -16.48 14.06
CA LYS E 127 -41.70 -15.97 14.40
C LYS E 127 -40.58 -16.86 13.84
N GLU E 128 -40.70 -18.17 14.05
CA GLU E 128 -39.70 -19.16 13.61
C GLU E 128 -39.69 -19.37 12.10
N ALA E 129 -40.84 -19.11 11.47
CA ALA E 129 -41.03 -19.25 10.02
C ALA E 129 -40.51 -18.10 9.13
N LEU E 130 -40.48 -16.88 9.66
CA LEU E 130 -40.26 -15.70 8.85
C LEU E 130 -38.80 -15.28 8.80
N PRO E 131 -38.40 -14.59 7.74
CA PRO E 131 -37.08 -13.96 7.69
C PRO E 131 -36.88 -13.11 8.95
N ALA E 132 -35.71 -13.23 9.60
CA ALA E 132 -35.32 -12.37 10.75
C ALA E 132 -35.59 -10.90 10.44
N ASP E 133 -35.31 -10.49 9.21
CA ASP E 133 -35.67 -9.17 8.68
C ASP E 133 -37.02 -8.66 8.93
N MET E 134 -37.95 -9.61 8.97
CA MET E 134 -39.37 -9.34 8.97
C MET E 134 -39.97 -9.32 10.38
N TRP E 135 -39.25 -9.89 11.33
CA TRP E 135 -39.83 -10.12 12.64
C TRP E 135 -39.60 -8.90 13.52
N GLY E 136 -40.59 -8.59 14.33
CA GLY E 136 -40.46 -7.50 15.29
C GLY E 136 -41.79 -7.32 15.95
N PRO E 137 -41.89 -6.32 16.84
CA PRO E 137 -43.15 -6.09 17.57
C PRO E 137 -44.33 -5.80 16.67
N GLU E 138 -44.14 -5.07 15.57
CA GLU E 138 -45.24 -4.72 14.67
C GLU E 138 -45.83 -5.95 13.94
N MET E 139 -44.95 -6.81 13.40
CA MET E 139 -45.39 -8.13 12.92
C MET E 139 -46.17 -8.97 13.96
N ARG E 140 -45.58 -9.18 15.15
CA ARG E 140 -46.26 -9.94 16.20
C ARG E 140 -47.64 -9.38 16.49
N ASN E 141 -47.69 -8.06 16.63
CA ASN E 141 -48.92 -7.38 16.98
C ASN E 141 -49.97 -7.52 15.90
N ALA E 142 -49.59 -7.45 14.63
CA ALA E 142 -50.53 -7.56 13.54
C ALA E 142 -51.19 -8.95 13.50
N TRP E 143 -50.36 -10.00 13.55
CA TRP E 143 -50.87 -11.35 13.60
C TRP E 143 -51.68 -11.58 14.91
N GLY E 144 -51.19 -11.05 16.03
CA GLY E 144 -51.88 -11.21 17.32
C GLY E 144 -53.28 -10.66 17.24
N GLU E 145 -53.40 -9.50 16.63
CA GLU E 145 -54.68 -8.83 16.53
C GLU E 145 -55.63 -9.47 15.56
N ALA E 146 -55.13 -9.92 14.40
CA ALA E 146 -55.99 -10.68 13.48
C ALA E 146 -56.53 -11.93 14.18
N TYR E 147 -55.65 -12.63 14.90
CA TYR E 147 -56.04 -13.86 15.58
C TYR E 147 -57.09 -13.49 16.64
N ASP E 148 -56.85 -12.45 17.40
CA ASP E 148 -57.87 -12.05 18.37
C ASP E 148 -59.25 -11.80 17.73
N GLN E 149 -59.29 -11.24 16.54
CA GLN E 149 -60.58 -11.00 15.90
C GLN E 149 -61.22 -12.30 15.45
N LEU E 150 -60.40 -13.26 15.02
CA LEU E 150 -60.93 -14.55 14.61
C LEU E 150 -61.53 -15.31 15.79
N VAL E 151 -60.79 -15.35 16.89
CA VAL E 151 -61.26 -15.99 18.12
C VAL E 151 -62.50 -15.31 18.70
N ALA E 152 -62.47 -13.98 18.78
CA ALA E 152 -63.66 -13.26 19.22
C ALA E 152 -64.87 -13.64 18.36
N ALA E 153 -64.68 -13.76 17.03
CA ALA E 153 -65.79 -14.05 16.14
C ALA E 153 -66.35 -15.44 16.41
N ILE E 154 -65.46 -16.39 16.67
CA ILE E 154 -65.85 -17.77 16.95
C ILE E 154 -66.54 -17.83 18.31
N LYS E 155 -65.98 -17.12 19.30
CA LYS E 155 -66.57 -17.08 20.65
C LYS E 155 -68.05 -16.55 20.66
N GLN E 156 -68.31 -15.51 19.89
CA GLN E 156 -69.68 -15.03 19.66
C GLN E 156 -70.67 -16.17 19.37
N GLU E 157 -70.20 -17.17 18.61
CA GLU E 157 -71.02 -18.31 18.25
C GLU E 157 -70.97 -19.45 19.25
N MET E 158 -70.31 -19.25 20.37
CA MET E 158 -70.22 -20.25 21.43
C MET E 158 -71.01 -19.84 22.69
N LYS E 159 -71.65 -18.70 22.62
CA LYS E 159 -72.32 -18.06 23.75
C LYS E 159 -73.75 -17.77 23.34
N PRO E 160 -74.66 -17.61 24.32
CA PRO E 160 -76.03 -17.15 23.99
C PRO E 160 -75.97 -15.90 23.10
N VAL F 9 53.79 40.71 -4.67
CA VAL F 9 54.20 39.53 -3.83
C VAL F 9 53.36 38.24 -4.18
N PHE F 10 53.00 37.45 -3.17
CA PHE F 10 52.00 36.36 -3.28
C PHE F 10 51.08 36.47 -2.08
N SER F 11 49.83 36.83 -2.35
CA SER F 11 48.87 37.20 -1.30
C SER F 11 48.49 36.08 -0.36
N GLU F 12 48.06 36.46 0.85
CA GLU F 12 47.54 35.55 1.87
C GLU F 12 46.40 34.68 1.32
N GLU F 13 45.55 35.27 0.50
CA GLU F 13 44.46 34.52 -0.11
C GLU F 13 44.99 33.44 -1.10
N LYS F 14 45.97 33.80 -1.89
CA LYS F 14 46.52 32.86 -2.87
C LYS F 14 47.22 31.72 -2.11
N GLU F 15 48.03 32.07 -1.11
CA GLU F 15 48.61 31.06 -0.24
C GLU F 15 47.55 30.08 0.30
N ALA F 16 46.44 30.60 0.85
CA ALA F 16 45.39 29.72 1.41
C ALA F 16 44.85 28.72 0.37
N LEU F 17 44.63 29.21 -0.84
CA LEU F 17 44.08 28.42 -1.92
C LEU F 17 45.06 27.30 -2.27
N VAL F 18 46.34 27.68 -2.38
CA VAL F 18 47.40 26.70 -2.67
C VAL F 18 47.53 25.70 -1.52
N LEU F 19 47.45 26.20 -0.29
CA LEU F 19 47.61 25.29 0.86
C LEU F 19 46.51 24.26 1.02
N LYS F 20 45.23 24.63 0.90
CA LYS F 20 44.18 23.63 1.10
C LYS F 20 44.07 22.62 -0.06
N SER F 21 44.44 23.05 -1.27
CA SER F 21 44.48 22.14 -2.40
C SER F 21 45.66 21.17 -2.30
N TRP F 22 46.85 21.68 -1.97
CA TRP F 22 48.04 20.84 -1.82
C TRP F 22 47.85 19.88 -0.64
N ALA F 23 47.05 20.28 0.35
CA ALA F 23 46.74 19.38 1.47
C ALA F 23 46.06 18.12 0.98
N ILE F 24 45.18 18.24 -0.02
CA ILE F 24 44.52 17.13 -0.65
C ILE F 24 45.44 16.33 -1.57
N MET F 25 46.17 17.04 -2.44
CA MET F 25 46.99 16.45 -3.50
C MET F 25 48.25 15.71 -3.02
N LYS F 26 48.86 16.22 -1.95
CA LYS F 26 50.07 15.65 -1.37
C LYS F 26 49.88 14.17 -1.01
N LYS F 27 48.65 13.80 -0.69
CA LYS F 27 48.27 12.43 -0.33
C LYS F 27 48.23 11.52 -1.53
N ASP F 28 48.44 12.10 -2.72
CA ASP F 28 48.30 11.30 -3.91
C ASP F 28 49.34 11.69 -4.93
N SER F 29 50.47 12.24 -4.46
CA SER F 29 51.46 12.85 -5.36
C SER F 29 52.08 11.89 -6.38
N ALA F 30 52.28 10.63 -6.01
CA ALA F 30 52.74 9.63 -7.00
C ALA F 30 51.82 9.58 -8.24
N ASN F 31 50.55 9.21 -8.04
CA ASN F 31 49.55 9.15 -9.13
C ASN F 31 49.46 10.49 -9.88
N LEU F 32 49.39 11.59 -9.13
CA LEU F 32 49.21 12.90 -9.74
C LEU F 32 50.41 13.32 -10.58
N GLY F 33 51.60 13.05 -10.07
CA GLY F 33 52.81 13.42 -10.78
C GLY F 33 52.87 12.68 -12.10
N LEU F 34 52.55 11.39 -12.11
CA LEU F 34 52.51 10.72 -13.39
C LEU F 34 51.38 11.24 -14.26
N ARG F 35 50.19 11.49 -13.68
CA ARG F 35 49.13 12.07 -14.51
C ARG F 35 49.62 13.33 -15.20
N PHE F 36 50.32 14.18 -14.45
CA PHE F 36 50.81 15.47 -14.94
C PHE F 36 51.71 15.21 -16.16
N PHE F 37 52.64 14.28 -16.03
CA PHE F 37 53.59 14.06 -17.13
C PHE F 37 52.94 13.41 -18.34
N LEU F 38 52.00 12.47 -18.13
CA LEU F 38 51.23 11.85 -19.24
C LEU F 38 50.41 12.91 -20.02
N LYS F 39 49.92 13.89 -19.28
CA LYS F 39 49.19 15.01 -19.94
C LYS F 39 50.15 15.87 -20.76
N ILE F 40 51.33 16.15 -20.23
CA ILE F 40 52.38 16.87 -21.02
C ILE F 40 52.61 16.15 -22.36
N PHE F 41 52.86 14.84 -22.28
CA PHE F 41 53.18 14.04 -23.44
C PHE F 41 51.95 13.77 -24.34
N GLU F 42 50.75 13.76 -23.76
CA GLU F 42 49.53 13.82 -24.58
C GLU F 42 49.43 15.05 -25.47
N ILE F 43 49.66 16.23 -24.88
CA ILE F 43 49.58 17.47 -25.63
C ILE F 43 50.72 17.60 -26.65
N ALA F 44 51.93 17.20 -26.25
CA ALA F 44 53.12 17.40 -27.07
C ALA F 44 54.01 16.16 -26.99
N PRO F 45 53.63 15.13 -27.74
CA PRO F 45 54.40 13.88 -27.78
C PRO F 45 55.89 14.11 -28.07
N SER F 46 56.25 15.12 -28.85
CA SER F 46 57.66 15.44 -29.13
C SER F 46 58.46 15.79 -27.87
N ALA F 47 57.80 16.25 -26.82
CA ALA F 47 58.49 16.46 -25.57
C ALA F 47 59.10 15.17 -25.00
N ARG F 48 58.55 14.00 -25.38
CA ARG F 48 59.10 12.73 -24.89
C ARG F 48 60.55 12.54 -25.24
N GLN F 49 60.92 13.06 -26.42
CA GLN F 49 62.27 12.87 -26.96
C GLN F 49 63.29 13.73 -26.22
N MET F 50 62.81 14.55 -25.29
CA MET F 50 63.72 15.31 -24.49
C MET F 50 64.35 14.54 -23.32
N PHE F 51 63.71 13.45 -22.92
CA PHE F 51 64.07 12.69 -21.72
C PHE F 51 64.77 11.40 -22.12
N PRO F 52 66.10 11.32 -21.90
CA PRO F 52 66.87 10.10 -22.27
C PRO F 52 66.27 8.76 -21.77
N PHE F 53 65.66 8.73 -20.59
CA PHE F 53 65.07 7.48 -20.09
C PHE F 53 63.76 7.10 -20.80
N LEU F 54 63.29 8.01 -21.65
CA LEU F 54 62.13 7.76 -22.48
C LEU F 54 62.58 7.31 -23.87
N ARG F 55 63.58 7.99 -24.42
CA ARG F 55 64.16 7.69 -25.73
C ARG F 55 64.67 6.25 -25.88
N ASP F 56 65.09 5.66 -24.77
CA ASP F 56 65.81 4.41 -24.83
C ASP F 56 65.05 3.18 -24.31
N SER F 57 63.80 3.40 -23.91
CA SER F 57 63.00 2.32 -23.32
C SER F 57 62.09 1.60 -24.32
N ASP F 58 61.86 0.31 -24.06
CA ASP F 58 60.91 -0.51 -24.82
C ASP F 58 59.44 -0.33 -24.37
N VAL F 59 59.27 -0.10 -23.06
CA VAL F 59 57.97 -0.20 -22.37
C VAL F 59 57.04 1.01 -22.61
N PRO F 60 55.72 0.83 -22.42
CA PRO F 60 54.77 1.96 -22.58
C PRO F 60 55.08 3.07 -21.57
N LEU F 61 54.83 4.30 -21.98
CA LEU F 61 54.97 5.49 -21.12
C LEU F 61 54.42 5.26 -19.74
N GLU F 62 53.17 4.76 -19.67
CA GLU F 62 52.43 4.59 -18.40
C GLU F 62 53.11 3.67 -17.40
N THR F 63 53.97 2.77 -17.87
CA THR F 63 54.56 1.79 -16.97
C THR F 63 56.00 2.11 -16.62
N ASN F 64 56.67 2.90 -17.47
CA ASN F 64 58.05 3.28 -17.24
C ASN F 64 58.42 3.62 -15.79
N PRO F 65 59.26 2.78 -15.15
CA PRO F 65 59.66 3.01 -13.76
C PRO F 65 60.36 4.34 -13.48
N LYS F 66 61.31 4.72 -14.35
CA LYS F 66 62.03 5.98 -14.27
C LYS F 66 61.12 7.22 -14.39
N LEU F 67 60.13 7.18 -15.30
CA LEU F 67 59.18 8.28 -15.44
C LEU F 67 58.45 8.53 -14.10
N LYS F 68 57.96 7.46 -13.45
CA LYS F 68 57.22 7.60 -12.19
C LYS F 68 58.04 8.34 -11.16
N THR F 69 59.30 7.93 -11.02
CA THR F 69 60.20 8.54 -10.04
C THR F 69 60.47 10.00 -10.38
N HIS F 70 60.69 10.27 -11.65
CA HIS F 70 61.00 11.62 -12.06
C HIS F 70 59.75 12.50 -11.90
N ALA F 71 58.60 11.95 -12.29
CA ALA F 71 57.33 12.70 -12.30
C ALA F 71 56.95 13.12 -10.89
N VAL F 72 56.99 12.18 -9.93
CA VAL F 72 56.65 12.56 -8.57
C VAL F 72 57.59 13.63 -8.07
N SER F 73 58.86 13.51 -8.42
CA SER F 73 59.84 14.45 -7.94
C SER F 73 59.63 15.90 -8.42
N VAL F 74 59.30 16.07 -9.70
CA VAL F 74 59.00 17.38 -10.24
C VAL F 74 57.66 17.92 -9.74
N PHE F 75 56.68 17.05 -9.65
CA PHE F 75 55.34 17.46 -9.19
C PHE F 75 55.42 17.97 -7.76
N VAL F 76 56.07 17.18 -6.90
CA VAL F 76 56.24 17.60 -5.50
C VAL F 76 57.05 18.88 -5.35
N MET F 77 58.13 18.97 -6.12
CA MET F 77 59.00 20.14 -6.09
C MET F 77 58.16 21.34 -6.47
N THR F 78 57.32 21.22 -7.51
CA THR F 78 56.49 22.35 -7.99
C THR F 78 55.43 22.79 -6.95
N CYS F 79 54.75 21.82 -6.38
CA CYS F 79 53.66 22.13 -5.46
C CYS F 79 54.26 22.68 -4.12
N GLU F 80 55.40 22.12 -3.69
CA GLU F 80 56.04 22.69 -2.50
C GLU F 80 56.55 24.12 -2.72
N ALA F 81 57.16 24.41 -3.87
CA ALA F 81 57.54 25.78 -4.22
C ALA F 81 56.38 26.77 -4.08
N ALA F 82 55.20 26.34 -4.52
CA ALA F 82 54.00 27.17 -4.48
C ALA F 82 53.51 27.28 -3.04
N ALA F 83 53.51 26.16 -2.33
CA ALA F 83 53.08 26.10 -0.94
C ALA F 83 53.98 26.94 -0.03
N GLN F 84 55.21 27.20 -0.45
CA GLN F 84 56.15 27.89 0.43
C GLN F 84 56.37 29.31 -0.01
N LEU F 85 55.83 29.65 -1.20
CA LEU F 85 56.10 30.92 -1.84
C LEU F 85 55.89 32.15 -0.93
N ARG F 86 54.74 32.22 -0.28
CA ARG F 86 54.46 33.36 0.59
C ARG F 86 55.35 33.26 1.85
N LYS F 87 55.37 32.11 2.49
CA LYS F 87 56.14 31.96 3.72
C LYS F 87 57.60 32.39 3.53
N ALA F 88 58.23 31.87 2.47
CA ALA F 88 59.64 32.11 2.19
C ALA F 88 59.84 33.48 1.57
N GLY F 89 58.80 34.02 0.95
CA GLY F 89 58.92 35.30 0.29
C GLY F 89 59.60 35.16 -1.07
N LYS F 90 59.77 33.92 -1.54
CA LYS F 90 60.41 33.72 -2.81
C LYS F 90 60.27 32.27 -3.18
N ILE F 91 60.74 31.96 -4.37
CA ILE F 91 60.66 30.60 -4.88
C ILE F 91 61.82 29.83 -4.29
N THR F 92 61.50 28.68 -3.69
CA THR F 92 62.49 27.69 -3.20
C THR F 92 62.26 26.42 -3.98
N VAL F 93 63.31 25.61 -4.14
CA VAL F 93 63.14 24.32 -4.82
C VAL F 93 63.87 23.26 -4.03
N ARG F 94 63.12 22.26 -3.60
CA ARG F 94 63.57 21.32 -2.59
C ARG F 94 64.73 20.42 -3.07
N GLU F 95 65.75 20.31 -2.22
CA GLU F 95 66.93 19.48 -2.47
C GLU F 95 67.84 20.01 -3.60
N THR F 96 67.53 21.21 -4.13
CA THR F 96 68.35 21.79 -5.18
C THR F 96 68.43 23.26 -5.10
N THR F 97 68.76 23.87 -6.23
CA THR F 97 69.10 25.24 -6.34
C THR F 97 68.52 25.70 -7.69
N LEU F 98 68.08 26.96 -7.76
CA LEU F 98 67.60 27.55 -9.04
C LEU F 98 68.75 27.57 -10.08
N LYS F 99 69.98 27.78 -9.62
CA LYS F 99 71.13 27.80 -10.54
C LYS F 99 71.30 26.43 -11.21
N ARG F 100 71.20 25.37 -10.43
CA ARG F 100 71.31 23.98 -10.94
C ARG F 100 70.19 23.61 -11.93
N LEU F 101 68.95 23.88 -11.53
CA LEU F 101 67.80 23.71 -12.46
C LEU F 101 67.96 24.47 -13.76
N GLY F 102 68.34 25.74 -13.68
CA GLY F 102 68.58 26.58 -14.84
C GLY F 102 69.63 25.98 -15.76
N GLY F 103 70.75 25.57 -15.17
CA GLY F 103 71.84 24.95 -15.92
C GLY F 103 71.38 23.69 -16.64
N THR F 104 70.67 22.86 -15.89
CA THR F 104 70.11 21.61 -16.40
C THR F 104 69.12 21.83 -17.55
N HIS F 105 68.19 22.79 -17.42
CA HIS F 105 67.19 23.01 -18.46
C HIS F 105 67.74 23.71 -19.69
N LEU F 106 68.71 24.59 -19.46
CA LEU F 106 69.55 25.07 -20.56
C LEU F 106 70.26 23.94 -21.35
N LYS F 107 70.94 23.00 -20.64
CA LYS F 107 71.63 21.87 -21.30
C LYS F 107 70.76 20.93 -22.14
N TYR F 108 69.55 20.67 -21.67
CA TYR F 108 68.60 19.83 -22.38
C TYR F 108 67.68 20.59 -23.37
N GLY F 109 67.92 21.89 -23.55
CA GLY F 109 67.26 22.64 -24.62
C GLY F 109 65.79 22.98 -24.44
N VAL F 110 65.37 23.10 -23.17
CA VAL F 110 63.97 23.40 -22.81
C VAL F 110 63.67 24.85 -23.20
N ALA F 111 62.57 25.06 -23.93
CA ALA F 111 62.25 26.31 -24.61
C ALA F 111 60.97 26.87 -23.98
N ASP F 112 60.71 28.17 -24.18
CA ASP F 112 59.46 28.77 -23.70
C ASP F 112 58.18 28.00 -24.02
N GLY F 113 58.10 27.40 -25.22
CA GLY F 113 56.92 26.62 -25.61
C GLY F 113 56.74 25.39 -24.71
N HIS F 114 57.86 24.82 -24.25
CA HIS F 114 57.76 23.65 -23.36
C HIS F 114 57.12 24.09 -22.03
N PHE F 115 57.60 25.20 -21.47
CA PHE F 115 57.00 25.73 -20.24
C PHE F 115 55.51 26.08 -20.39
N GLU F 116 55.08 26.58 -21.54
CA GLU F 116 53.63 26.89 -21.73
C GLU F 116 52.79 25.63 -21.68
N VAL F 117 53.18 24.62 -22.47
CA VAL F 117 52.44 23.37 -22.47
C VAL F 117 52.36 22.82 -21.04
N THR F 118 53.49 22.85 -20.32
CA THR F 118 53.60 22.16 -19.04
C THR F 118 52.72 22.92 -18.06
N ARG F 119 52.68 24.25 -18.16
CA ARG F 119 51.75 25.02 -17.30
C ARG F 119 50.29 24.54 -17.45
N PHE F 120 49.85 24.44 -18.69
CA PHE F 120 48.48 23.99 -18.96
C PHE F 120 48.24 22.57 -18.44
N ALA F 121 49.21 21.68 -18.68
CA ALA F 121 49.15 20.28 -18.20
C ALA F 121 49.05 20.22 -16.66
N LEU F 122 49.86 21.04 -15.97
CA LEU F 122 49.78 21.17 -14.50
C LEU F 122 48.37 21.61 -14.07
N LEU F 123 47.90 22.74 -14.62
CA LEU F 123 46.55 23.22 -14.25
C LEU F 123 45.41 22.21 -14.52
N GLU F 124 45.42 21.50 -15.64
CA GLU F 124 44.41 20.48 -15.84
C GLU F 124 44.51 19.31 -14.84
N THR F 125 45.73 18.95 -14.49
CA THR F 125 45.99 17.84 -13.57
C THR F 125 45.45 18.20 -12.21
N ILE F 126 45.76 19.41 -11.77
CA ILE F 126 45.34 19.88 -10.46
C ILE F 126 43.79 20.00 -10.43
N LYS F 127 43.22 20.66 -11.44
CA LYS F 127 41.76 20.64 -11.55
C LYS F 127 41.14 19.25 -11.35
N GLU F 128 41.70 18.24 -12.01
CA GLU F 128 41.12 16.90 -11.96
C GLU F 128 41.39 16.17 -10.64
N ALA F 129 42.26 16.77 -9.81
CA ALA F 129 42.66 16.21 -8.51
C ALA F 129 41.80 16.78 -7.38
N LEU F 130 40.97 17.76 -7.68
CA LEU F 130 40.27 18.53 -6.64
C LEU F 130 38.74 18.41 -6.81
N PRO F 131 37.97 18.44 -5.73
CA PRO F 131 36.50 18.49 -5.89
C PRO F 131 36.10 19.70 -6.75
N ALA F 132 35.10 19.57 -7.60
CA ALA F 132 34.67 20.68 -8.48
C ALA F 132 34.39 21.95 -7.67
N ASP F 133 34.04 21.72 -6.40
CA ASP F 133 33.79 22.72 -5.38
C ASP F 133 34.97 23.60 -4.90
N MET F 134 36.18 23.02 -4.93
CA MET F 134 37.43 23.71 -4.62
C MET F 134 38.00 24.47 -5.83
N TRP F 135 37.40 24.27 -7.00
CA TRP F 135 37.94 24.79 -8.24
C TRP F 135 37.21 26.04 -8.66
N GLY F 136 37.81 26.80 -9.56
CA GLY F 136 37.29 28.09 -10.00
C GLY F 136 38.42 29.02 -10.40
N PRO F 137 38.08 30.22 -10.92
CA PRO F 137 39.10 31.12 -11.47
C PRO F 137 40.14 31.60 -10.45
N GLU F 138 39.80 31.81 -9.20
CA GLU F 138 40.84 32.24 -8.28
C GLU F 138 41.82 31.09 -7.93
N MET F 139 41.31 29.86 -7.78
CA MET F 139 42.17 28.70 -7.55
C MET F 139 43.14 28.49 -8.72
N ARG F 140 42.58 28.49 -9.94
CA ARG F 140 43.37 28.39 -11.17
C ARG F 140 44.45 29.47 -11.27
N ASN F 141 44.10 30.70 -10.87
CA ASN F 141 45.04 31.79 -10.97
C ASN F 141 46.11 31.71 -9.90
N ALA F 142 45.75 31.27 -8.71
CA ALA F 142 46.74 31.10 -7.65
C ALA F 142 47.83 30.10 -8.12
N TRP F 143 47.43 28.95 -8.61
CA TRP F 143 48.40 27.97 -9.08
C TRP F 143 49.16 28.43 -10.31
N GLY F 144 48.46 29.06 -11.26
CA GLY F 144 49.13 29.54 -12.47
C GLY F 144 50.20 30.59 -12.12
N GLU F 145 49.89 31.47 -11.19
CA GLU F 145 50.83 32.51 -10.84
C GLU F 145 52.04 31.94 -10.09
N ALA F 146 51.81 30.97 -9.21
CA ALA F 146 52.94 30.31 -8.50
C ALA F 146 53.82 29.59 -9.51
N TYR F 147 53.20 28.83 -10.41
CA TYR F 147 53.96 28.19 -11.50
C TYR F 147 54.76 29.24 -12.31
N ASP F 148 54.12 30.33 -12.70
CA ASP F 148 54.80 31.39 -13.42
C ASP F 148 56.01 31.97 -12.69
N GLN F 149 55.90 32.18 -11.40
CA GLN F 149 57.04 32.60 -10.58
C GLN F 149 58.16 31.55 -10.57
N LEU F 150 57.78 30.28 -10.44
CA LEU F 150 58.77 29.19 -10.45
C LEU F 150 59.54 29.18 -11.78
N VAL F 151 58.80 29.16 -12.91
CA VAL F 151 59.40 29.26 -14.26
C VAL F 151 60.24 30.52 -14.46
N ALA F 152 59.75 31.69 -14.04
CA ALA F 152 60.58 32.92 -14.15
C ALA F 152 61.91 32.81 -13.39
N ALA F 153 61.85 32.22 -12.19
CA ALA F 153 63.02 31.97 -11.35
C ALA F 153 64.02 31.02 -12.03
N ILE F 154 63.51 29.95 -12.65
CA ILE F 154 64.36 29.01 -13.39
C ILE F 154 65.01 29.67 -14.64
N LYS F 155 64.19 30.41 -15.41
CA LYS F 155 64.63 31.10 -16.63
C LYS F 155 65.72 32.13 -16.36
N GLN F 156 65.69 32.75 -15.18
CA GLN F 156 66.70 33.72 -14.78
C GLN F 156 68.09 33.10 -14.88
N GLU F 157 68.14 31.84 -14.48
CA GLU F 157 69.37 31.05 -14.48
C GLU F 157 69.65 30.30 -15.79
N MET F 158 68.87 30.55 -16.83
CA MET F 158 69.15 30.00 -18.16
C MET F 158 69.63 31.10 -19.13
N LYS F 159 69.76 32.32 -18.62
CA LYS F 159 70.11 33.45 -19.48
C LYS F 159 71.34 34.15 -18.92
N PRO F 160 72.05 34.89 -19.77
CA PRO F 160 73.16 35.73 -19.30
C PRO F 160 72.68 36.86 -18.36
N VAL G 8 -18.25 -27.17 -14.60
CA VAL G 8 -18.81 -26.54 -15.84
C VAL G 8 -19.90 -25.54 -15.46
N VAL G 9 -21.11 -25.81 -15.97
CA VAL G 9 -22.31 -25.00 -15.73
C VAL G 9 -22.80 -25.14 -14.27
N PHE G 10 -23.12 -24.00 -13.66
CA PHE G 10 -23.76 -23.92 -12.34
C PHE G 10 -24.81 -25.06 -12.26
N SER G 11 -24.72 -25.90 -11.24
CA SER G 11 -25.62 -27.08 -11.12
C SER G 11 -27.12 -26.79 -11.03
N GLU G 12 -27.93 -27.77 -11.48
CA GLU G 12 -29.39 -27.60 -11.39
C GLU G 12 -29.87 -27.37 -9.94
N GLU G 13 -29.23 -28.02 -8.97
CA GLU G 13 -29.62 -27.90 -7.58
C GLU G 13 -29.30 -26.51 -7.02
N LYS G 14 -28.16 -25.95 -7.44
CA LYS G 14 -27.76 -24.61 -7.04
C LYS G 14 -28.67 -23.52 -7.68
N GLU G 15 -28.97 -23.64 -8.97
CA GLU G 15 -29.93 -22.77 -9.64
C GLU G 15 -31.28 -22.77 -8.91
N ALA G 16 -31.73 -23.96 -8.54
CA ALA G 16 -33.00 -24.08 -7.83
C ALA G 16 -32.99 -23.29 -6.52
N LEU G 17 -31.89 -23.39 -5.78
CA LEU G 17 -31.72 -22.68 -4.49
C LEU G 17 -31.77 -21.18 -4.72
N VAL G 18 -31.01 -20.75 -5.74
CA VAL G 18 -30.95 -19.35 -6.11
C VAL G 18 -32.32 -18.84 -6.53
N LEU G 19 -33.00 -19.58 -7.40
CA LEU G 19 -34.30 -19.11 -7.91
C LEU G 19 -35.35 -18.94 -6.82
N LYS G 20 -35.48 -19.90 -5.92
CA LYS G 20 -36.59 -19.84 -4.95
C LYS G 20 -36.32 -18.80 -3.88
N SER G 21 -35.03 -18.55 -3.59
CA SER G 21 -34.67 -17.50 -2.64
C SER G 21 -34.87 -16.11 -3.25
N TRP G 22 -34.43 -15.93 -4.49
CA TRP G 22 -34.59 -14.64 -5.15
C TRP G 22 -36.10 -14.29 -5.40
N ALA G 23 -36.91 -15.31 -5.63
CA ALA G 23 -38.37 -15.14 -5.72
C ALA G 23 -38.90 -14.37 -4.50
N ILE G 24 -38.39 -14.68 -3.31
CA ILE G 24 -38.78 -13.96 -2.09
C ILE G 24 -38.12 -12.61 -2.02
N MET G 25 -36.79 -12.57 -2.21
CA MET G 25 -36.02 -11.37 -2.02
C MET G 25 -36.34 -10.27 -3.00
N LYS G 26 -36.70 -10.64 -4.23
CA LYS G 26 -37.00 -9.68 -5.29
C LYS G 26 -38.11 -8.68 -4.85
N LYS G 27 -39.01 -9.16 -4.00
CA LYS G 27 -40.15 -8.34 -3.52
C LYS G 27 -39.76 -7.24 -2.52
N ASP G 28 -38.51 -7.26 -2.06
CA ASP G 28 -38.07 -6.36 -1.01
C ASP G 28 -36.68 -5.81 -1.32
N SER G 29 -36.34 -5.78 -2.60
CA SER G 29 -35.01 -5.43 -3.04
C SER G 29 -34.49 -4.04 -2.57
N ALA G 30 -35.38 -3.05 -2.45
CA ALA G 30 -34.92 -1.74 -1.96
C ALA G 30 -34.31 -1.83 -0.52
N ASN G 31 -35.11 -2.38 0.39
CA ASN G 31 -34.76 -2.59 1.79
C ASN G 31 -33.51 -3.49 1.92
N LEU G 32 -33.51 -4.60 1.16
CA LEU G 32 -32.38 -5.56 1.21
C LEU G 32 -31.10 -4.98 0.71
N GLY G 33 -31.14 -4.30 -0.45
CA GLY G 33 -29.97 -3.60 -0.97
C GLY G 33 -29.33 -2.67 0.04
N LEU G 34 -30.18 -1.87 0.69
CA LEU G 34 -29.64 -1.01 1.75
C LEU G 34 -29.08 -1.80 2.94
N ARG G 35 -29.81 -2.82 3.42
CA ARG G 35 -29.26 -3.64 4.52
C ARG G 35 -27.89 -4.21 4.16
N PHE G 36 -27.74 -4.69 2.92
CA PHE G 36 -26.51 -5.30 2.43
C PHE G 36 -25.38 -4.30 2.58
N PHE G 37 -25.60 -3.09 2.06
CA PHE G 37 -24.57 -2.03 2.20
C PHE G 37 -24.27 -1.52 3.61
N LEU G 38 -25.29 -1.41 4.46
CA LEU G 38 -25.07 -1.06 5.87
C LEU G 38 -24.22 -2.15 6.56
N LYS G 39 -24.47 -3.41 6.20
CA LYS G 39 -23.65 -4.50 6.76
C LYS G 39 -22.18 -4.42 6.28
N ILE G 40 -21.96 -4.11 5.00
CA ILE G 40 -20.61 -3.85 4.52
C ILE G 40 -19.92 -2.79 5.37
N PHE G 41 -20.62 -1.68 5.60
CA PHE G 41 -20.01 -0.59 6.34
C PHE G 41 -19.92 -0.84 7.85
N GLU G 42 -20.76 -1.73 8.41
CA GLU G 42 -20.64 -2.21 9.78
C GLU G 42 -19.37 -3.00 9.98
N ILE G 43 -19.09 -3.90 9.03
CA ILE G 43 -17.94 -4.73 9.16
C ILE G 43 -16.69 -3.93 8.91
N ALA G 44 -16.73 -3.06 7.87
CA ALA G 44 -15.56 -2.28 7.44
C ALA G 44 -15.90 -0.79 7.25
N PRO G 45 -15.98 -0.06 8.34
CA PRO G 45 -16.30 1.39 8.26
C PRO G 45 -15.44 2.18 7.27
N SER G 46 -14.18 1.81 7.13
CA SER G 46 -13.29 2.48 6.18
C SER G 46 -13.73 2.36 4.73
N ALA G 47 -14.47 1.29 4.41
CA ALA G 47 -15.01 1.12 3.04
C ALA G 47 -15.92 2.28 2.63
N ARG G 48 -16.57 2.94 3.59
CA ARG G 48 -17.43 4.08 3.28
C ARG G 48 -16.65 5.13 2.47
N GLN G 49 -15.38 5.31 2.82
CA GLN G 49 -14.57 6.38 2.25
C GLN G 49 -14.30 6.15 0.77
N MET G 50 -14.54 4.94 0.30
CA MET G 50 -14.32 4.68 -1.12
C MET G 50 -15.41 5.24 -2.01
N PHE G 51 -16.58 5.55 -1.45
CA PHE G 51 -17.73 6.07 -2.22
C PHE G 51 -17.81 7.60 -2.10
N PRO G 52 -17.51 8.33 -3.19
CA PRO G 52 -17.61 9.80 -3.21
C PRO G 52 -18.89 10.35 -2.52
N PHE G 53 -20.04 9.77 -2.85
CA PHE G 53 -21.32 10.19 -2.28
C PHE G 53 -21.50 9.98 -0.78
N LEU G 54 -20.53 9.35 -0.12
CA LEU G 54 -20.60 9.04 1.30
C LEU G 54 -19.53 9.75 2.12
N ARG G 55 -18.49 10.22 1.44
CA ARG G 55 -17.42 10.94 2.13
C ARG G 55 -18.07 12.18 2.67
N ASP G 56 -19.34 12.34 2.30
CA ASP G 56 -20.06 13.60 2.43
C ASP G 56 -20.40 14.02 3.85
N SER G 57 -20.57 15.34 3.97
CA SER G 57 -20.70 16.02 5.24
C SER G 57 -21.78 15.40 6.11
N ASP G 58 -21.36 14.53 7.03
CA ASP G 58 -22.19 14.02 8.13
C ASP G 58 -23.70 13.89 7.82
N VAL G 59 -24.00 13.22 6.70
CA VAL G 59 -25.32 12.68 6.42
C VAL G 59 -25.23 11.21 6.85
N PRO G 60 -26.14 10.74 7.70
CA PRO G 60 -26.10 9.34 8.12
C PRO G 60 -26.39 8.40 6.95
N LEU G 61 -25.65 7.28 6.89
CA LEU G 61 -25.82 6.23 5.90
C LEU G 61 -27.26 5.78 5.74
N GLU G 62 -27.95 5.63 6.86
CA GLU G 62 -29.32 5.13 6.90
C GLU G 62 -30.26 5.98 6.08
N THR G 63 -29.86 7.21 5.80
CA THR G 63 -30.76 8.19 5.20
C THR G 63 -30.28 8.61 3.84
N ASN G 64 -28.98 8.52 3.63
CA ASN G 64 -28.35 8.98 2.40
C ASN G 64 -29.10 8.46 1.15
N PRO G 65 -29.79 9.35 0.44
CA PRO G 65 -30.59 8.96 -0.72
C PRO G 65 -29.77 8.38 -1.89
N LYS G 66 -28.55 8.86 -2.13
CA LYS G 66 -27.70 8.26 -3.17
C LYS G 66 -27.24 6.81 -2.80
N LEU G 67 -27.03 6.52 -1.51
CA LEU G 67 -26.69 5.15 -1.08
C LEU G 67 -27.86 4.21 -1.39
N LYS G 68 -29.09 4.67 -1.14
CA LYS G 68 -30.27 3.87 -1.40
C LYS G 68 -30.36 3.44 -2.87
N THR G 69 -30.21 4.39 -3.77
CA THR G 69 -30.23 4.13 -5.22
C THR G 69 -29.08 3.25 -5.67
N HIS G 70 -27.89 3.54 -5.15
CA HIS G 70 -26.72 2.73 -5.51
C HIS G 70 -26.87 1.29 -5.02
N ALA G 71 -27.20 1.16 -3.73
CA ALA G 71 -27.32 -0.13 -3.08
C ALA G 71 -28.30 -1.06 -3.77
N VAL G 72 -29.47 -0.54 -4.17
CA VAL G 72 -30.49 -1.37 -4.80
C VAL G 72 -29.99 -1.83 -6.17
N SER G 73 -29.35 -0.92 -6.89
CA SER G 73 -28.75 -1.21 -8.20
C SER G 73 -27.76 -2.39 -8.10
N VAL G 74 -26.86 -2.31 -7.12
CA VAL G 74 -25.84 -3.32 -6.99
C VAL G 74 -26.44 -4.64 -6.51
N PHE G 75 -27.29 -4.57 -5.49
CA PHE G 75 -27.92 -5.78 -5.00
C PHE G 75 -28.74 -6.56 -6.06
N VAL G 76 -29.59 -5.87 -6.80
CA VAL G 76 -30.35 -6.48 -7.93
C VAL G 76 -29.43 -7.03 -9.06
N MET G 77 -28.42 -6.27 -9.48
CA MET G 77 -27.45 -6.74 -10.49
C MET G 77 -26.83 -8.08 -10.08
N THR G 78 -26.41 -8.17 -8.81
CA THR G 78 -25.80 -9.38 -8.28
C THR G 78 -26.81 -10.51 -8.24
N CYS G 79 -28.02 -10.21 -7.75
CA CYS G 79 -29.00 -11.31 -7.66
C CYS G 79 -29.46 -11.84 -9.04
N GLU G 80 -29.61 -10.92 -9.96
CA GLU G 80 -29.99 -11.29 -11.34
C GLU G 80 -28.86 -12.08 -12.02
N ALA G 81 -27.59 -11.67 -11.82
CA ALA G 81 -26.46 -12.45 -12.30
C ALA G 81 -26.49 -13.90 -11.79
N ALA G 82 -26.74 -14.07 -10.49
CA ALA G 82 -26.89 -15.41 -9.93
C ALA G 82 -28.08 -16.17 -10.52
N ALA G 83 -29.19 -15.46 -10.67
CA ALA G 83 -30.43 -16.13 -11.10
C ALA G 83 -30.37 -16.62 -12.56
N GLN G 84 -29.47 -16.01 -13.33
CA GLN G 84 -29.28 -16.30 -14.77
C GLN G 84 -28.04 -17.13 -15.07
N LEU G 85 -27.28 -17.50 -14.03
CA LEU G 85 -25.98 -18.17 -14.19
C LEU G 85 -26.03 -19.55 -14.87
N ARG G 86 -26.91 -20.44 -14.39
CA ARG G 86 -27.20 -21.68 -15.10
C ARG G 86 -27.87 -21.46 -16.48
N LYS G 87 -28.90 -20.60 -16.55
CA LYS G 87 -29.68 -20.39 -17.79
C LYS G 87 -28.81 -19.83 -18.92
N ALA G 88 -27.99 -18.81 -18.62
CA ALA G 88 -27.08 -18.23 -19.62
C ALA G 88 -25.77 -19.00 -19.75
N GLY G 89 -25.50 -19.88 -18.81
CA GLY G 89 -24.26 -20.63 -18.86
C GLY G 89 -23.01 -19.82 -18.52
N LYS G 90 -23.19 -18.59 -18.08
CA LYS G 90 -22.10 -17.71 -17.69
C LYS G 90 -22.68 -16.51 -16.87
N ILE G 91 -21.78 -15.70 -16.34
CA ILE G 91 -22.16 -14.46 -15.64
C ILE G 91 -22.61 -13.46 -16.68
N THR G 92 -23.74 -12.81 -16.42
CA THR G 92 -24.29 -11.74 -17.23
C THR G 92 -24.62 -10.58 -16.32
N VAL G 93 -24.41 -9.39 -16.82
CA VAL G 93 -24.86 -8.22 -16.11
C VAL G 93 -25.70 -7.38 -17.09
N ARG G 94 -26.81 -6.89 -16.56
CA ARG G 94 -27.80 -6.14 -17.29
C ARG G 94 -27.50 -4.70 -17.04
N GLU G 95 -27.57 -3.92 -18.11
CA GLU G 95 -27.39 -2.47 -18.06
C GLU G 95 -25.95 -1.96 -17.99
N THR G 96 -24.99 -2.85 -17.73
CA THR G 96 -23.57 -2.55 -17.98
C THR G 96 -22.84 -3.74 -18.61
N THR G 97 -21.55 -3.79 -18.35
CA THR G 97 -20.64 -4.65 -19.04
C THR G 97 -19.56 -5.06 -18.02
N LEU G 98 -19.04 -6.29 -18.11
CA LEU G 98 -17.97 -6.73 -17.21
C LEU G 98 -16.66 -5.94 -17.36
N LYS G 99 -16.41 -5.49 -18.59
CA LYS G 99 -15.27 -4.65 -18.84
C LYS G 99 -15.49 -3.27 -18.20
N ARG G 100 -16.72 -2.77 -18.21
CA ARG G 100 -17.02 -1.47 -17.59
C ARG G 100 -16.86 -1.59 -16.05
N LEU G 101 -17.40 -2.67 -15.51
CA LEU G 101 -17.23 -2.95 -14.06
C LEU G 101 -15.77 -3.07 -13.64
N GLY G 102 -14.98 -3.84 -14.38
CA GLY G 102 -13.55 -3.94 -14.09
C GLY G 102 -12.84 -2.58 -14.09
N GLY G 103 -13.07 -1.82 -15.14
CA GLY G 103 -12.48 -0.50 -15.27
C GLY G 103 -12.77 0.37 -14.07
N THR G 104 -14.03 0.43 -13.69
CA THR G 104 -14.49 1.24 -12.56
C THR G 104 -13.91 0.80 -11.22
N HIS G 105 -13.92 -0.50 -10.96
CA HIS G 105 -13.42 -0.99 -9.67
C HIS G 105 -11.90 -0.82 -9.55
N LEU G 106 -11.20 -1.00 -10.66
CA LEU G 106 -9.77 -0.70 -10.72
C LEU G 106 -9.49 0.80 -10.45
N LYS G 107 -10.28 1.70 -11.05
CA LYS G 107 -10.10 3.16 -10.84
C LYS G 107 -10.30 3.54 -9.40
N TYR G 108 -11.30 2.94 -8.78
CA TYR G 108 -11.64 3.29 -7.42
C TYR G 108 -10.88 2.46 -6.40
N GLY G 109 -9.91 1.67 -6.86
CA GLY G 109 -8.97 0.97 -6.00
C GLY G 109 -9.52 -0.19 -5.17
N VAL G 110 -10.54 -0.88 -5.70
CA VAL G 110 -11.18 -1.96 -4.99
C VAL G 110 -10.22 -3.17 -4.91
N ALA G 111 -9.98 -3.66 -3.69
CA ALA G 111 -9.02 -4.76 -3.55
C ALA G 111 -9.68 -6.08 -3.15
N ASP G 112 -8.90 -7.15 -3.13
CA ASP G 112 -9.45 -8.46 -2.77
C ASP G 112 -10.16 -8.49 -1.40
N GLY G 113 -9.59 -7.79 -0.41
CA GLY G 113 -10.19 -7.78 0.92
C GLY G 113 -11.58 -7.13 0.88
N HIS G 114 -11.79 -6.16 0.00
CA HIS G 114 -13.13 -5.56 -0.15
C HIS G 114 -14.11 -6.59 -0.64
N PHE G 115 -13.71 -7.35 -1.65
CA PHE G 115 -14.64 -8.32 -2.22
C PHE G 115 -14.95 -9.41 -1.19
N GLU G 116 -14.00 -9.75 -0.31
CA GLU G 116 -14.28 -10.76 0.72
C GLU G 116 -15.29 -10.25 1.73
N VAL G 117 -15.06 -9.03 2.24
CA VAL G 117 -16.01 -8.50 3.22
C VAL G 117 -17.41 -8.42 2.62
N THR G 118 -17.51 -7.98 1.37
CA THR G 118 -18.83 -7.81 0.73
C THR G 118 -19.47 -9.15 0.51
N ARG G 119 -18.67 -10.16 0.16
CA ARG G 119 -19.29 -11.51 0.09
C ARG G 119 -19.98 -11.91 1.39
N PHE G 120 -19.25 -11.76 2.48
CA PHE G 120 -19.79 -12.11 3.78
C PHE G 120 -21.05 -11.26 4.08
N ALA G 121 -20.95 -9.95 3.80
CA ALA G 121 -22.11 -9.07 4.08
C ALA G 121 -23.31 -9.50 3.22
N LEU G 122 -23.10 -9.88 1.95
CA LEU G 122 -24.20 -10.35 1.14
C LEU G 122 -24.85 -11.61 1.72
N LEU G 123 -24.01 -12.58 2.08
CA LEU G 123 -24.57 -13.83 2.59
C LEU G 123 -25.32 -13.69 3.89
N GLU G 124 -24.83 -12.87 4.84
CA GLU G 124 -25.60 -12.56 6.07
C GLU G 124 -26.94 -11.89 5.75
N THR G 125 -26.92 -10.95 4.79
CA THR G 125 -28.16 -10.23 4.40
C THR G 125 -29.20 -11.17 3.76
N ILE G 126 -28.75 -12.02 2.85
CA ILE G 126 -29.61 -13.07 2.34
C ILE G 126 -30.15 -14.02 3.42
N LYS G 127 -29.30 -14.53 4.29
CA LYS G 127 -29.75 -15.40 5.39
C LYS G 127 -30.90 -14.73 6.19
N GLU G 128 -30.73 -13.46 6.48
CA GLU G 128 -31.72 -12.70 7.26
C GLU G 128 -32.97 -12.35 6.47
N ALA G 129 -32.91 -12.49 5.14
CA ALA G 129 -34.07 -12.22 4.26
C ALA G 129 -34.90 -13.47 3.96
N LEU G 130 -34.44 -14.63 4.40
CA LEU G 130 -35.12 -15.88 4.11
C LEU G 130 -35.64 -16.59 5.34
N PRO G 131 -36.74 -17.32 5.19
CA PRO G 131 -37.21 -18.22 6.23
C PRO G 131 -36.11 -19.14 6.68
N ALA G 132 -35.96 -19.37 7.98
CA ALA G 132 -34.93 -20.30 8.47
C ALA G 132 -35.06 -21.72 7.85
N ASP G 133 -36.26 -22.10 7.42
CA ASP G 133 -36.55 -23.37 6.69
C ASP G 133 -35.84 -23.47 5.30
N MET G 134 -35.50 -22.31 4.75
CA MET G 134 -34.87 -22.21 3.43
C MET G 134 -33.35 -22.18 3.54
N TRP G 135 -32.83 -21.97 4.76
CA TRP G 135 -31.41 -21.75 4.98
C TRP G 135 -30.70 -23.04 5.35
N GLY G 136 -29.38 -23.04 5.14
CA GLY G 136 -28.54 -24.22 5.31
C GLY G 136 -27.29 -24.06 4.46
N PRO G 137 -26.36 -25.01 4.58
CA PRO G 137 -25.09 -24.92 3.83
C PRO G 137 -25.27 -24.97 2.30
N GLU G 138 -26.29 -25.66 1.80
CA GLU G 138 -26.55 -25.68 0.35
C GLU G 138 -26.89 -24.29 -0.17
N MET G 139 -27.85 -23.67 0.48
CA MET G 139 -28.24 -22.33 0.12
C MET G 139 -27.03 -21.36 0.21
N ARG G 140 -26.29 -21.35 1.33
CA ARG G 140 -25.13 -20.45 1.47
C ARG G 140 -24.09 -20.67 0.36
N ASN G 141 -23.81 -21.93 0.07
CA ASN G 141 -22.81 -22.29 -0.94
C ASN G 141 -23.26 -21.91 -2.35
N ALA G 142 -24.54 -22.11 -2.64
CA ALA G 142 -25.09 -21.75 -3.94
C ALA G 142 -24.87 -20.25 -4.17
N TRP G 143 -25.20 -19.46 -3.15
CA TRP G 143 -25.06 -18.00 -3.28
C TRP G 143 -23.58 -17.56 -3.29
N GLY G 144 -22.79 -18.12 -2.39
CA GLY G 144 -21.40 -17.79 -2.38
C GLY G 144 -20.66 -18.15 -3.65
N GLU G 145 -21.04 -19.27 -4.28
CA GLU G 145 -20.39 -19.66 -5.56
C GLU G 145 -20.76 -18.74 -6.70
N ALA G 146 -22.03 -18.34 -6.76
CA ALA G 146 -22.49 -17.42 -7.79
C ALA G 146 -21.84 -16.03 -7.61
N TYR G 147 -21.83 -15.55 -6.38
CA TYR G 147 -21.07 -14.32 -6.09
C TYR G 147 -19.59 -14.45 -6.50
N ASP G 148 -18.92 -15.55 -6.14
CA ASP G 148 -17.52 -15.72 -6.55
C ASP G 148 -17.35 -15.71 -8.05
N GLN G 149 -18.27 -16.34 -8.80
CA GLN G 149 -18.16 -16.31 -10.27
C GLN G 149 -18.32 -14.88 -10.80
N LEU G 150 -19.18 -14.11 -10.17
CA LEU G 150 -19.40 -12.72 -10.56
C LEU G 150 -18.12 -11.89 -10.31
N VAL G 151 -17.56 -12.06 -9.12
CA VAL G 151 -16.35 -11.31 -8.77
C VAL G 151 -15.17 -11.76 -9.65
N ALA G 152 -15.09 -13.05 -9.97
CA ALA G 152 -13.97 -13.51 -10.81
C ALA G 152 -14.03 -12.88 -12.19
N ALA G 153 -15.27 -12.74 -12.68
CA ALA G 153 -15.54 -12.14 -13.99
C ALA G 153 -15.18 -10.67 -13.98
N ILE G 154 -15.49 -9.96 -12.89
CA ILE G 154 -15.07 -8.55 -12.77
C ILE G 154 -13.55 -8.40 -12.65
N LYS G 155 -12.92 -9.24 -11.81
CA LYS G 155 -11.45 -9.18 -11.64
C LYS G 155 -10.67 -9.42 -12.94
N GLN G 156 -11.19 -10.28 -13.81
CA GLN G 156 -10.58 -10.53 -15.12
C GLN G 156 -10.42 -9.24 -15.92
N GLU G 157 -11.30 -8.29 -15.68
CA GLU G 157 -11.25 -7.00 -16.36
C GLU G 157 -10.56 -5.92 -15.51
N MET G 158 -9.92 -6.34 -14.43
CA MET G 158 -9.14 -5.43 -13.59
C MET G 158 -7.65 -5.74 -13.74
N LYS G 159 -7.33 -6.75 -14.53
CA LYS G 159 -5.92 -7.14 -14.67
C LYS G 159 -5.60 -7.10 -16.14
N PRO G 160 -4.33 -7.16 -16.52
CA PRO G 160 -3.98 -7.38 -17.93
C PRO G 160 -4.43 -8.76 -18.43
N ALA G 161 -4.66 -8.90 -19.74
CA ALA G 161 -4.51 -10.23 -20.43
C ALA G 161 -5.25 -11.43 -19.84
N VAL H 9 -13.40 8.02 31.85
CA VAL H 9 -12.83 6.81 31.23
C VAL H 9 -13.97 5.86 30.88
N PHE H 10 -13.73 4.57 31.07
CA PHE H 10 -14.73 3.52 30.92
C PHE H 10 -15.60 3.57 32.18
N SER H 11 -16.91 3.78 32.01
CA SER H 11 -17.86 3.94 33.12
C SER H 11 -18.00 2.70 33.98
N GLU H 12 -18.46 2.90 35.21
CA GLU H 12 -18.78 1.78 36.11
C GLU H 12 -19.78 0.77 35.53
N GLU H 13 -20.76 1.25 34.76
CA GLU H 13 -21.75 0.36 34.18
C GLU H 13 -21.15 -0.49 33.07
N LYS H 14 -20.25 0.10 32.31
CA LYS H 14 -19.56 -0.63 31.23
C LYS H 14 -18.65 -1.72 31.81
N GLU H 15 -17.94 -1.38 32.89
CA GLU H 15 -17.18 -2.35 33.68
C GLU H 15 -18.07 -3.51 34.12
N ALA H 16 -19.22 -3.20 34.74
CA ALA H 16 -20.16 -4.25 35.19
C ALA H 16 -20.58 -5.19 34.06
N LEU H 17 -20.82 -4.63 32.87
CA LEU H 17 -21.26 -5.42 31.73
C LEU H 17 -20.16 -6.34 31.20
N VAL H 18 -18.97 -5.79 31.10
CA VAL H 18 -17.81 -6.56 30.67
C VAL H 18 -17.58 -7.65 31.74
N LEU H 19 -17.65 -7.24 33.01
CA LEU H 19 -17.34 -8.21 34.06
C LEU H 19 -18.31 -9.39 34.09
N LYS H 20 -19.60 -9.13 34.05
CA LYS H 20 -20.55 -10.25 34.14
C LYS H 20 -20.54 -11.17 32.90
N SER H 21 -20.23 -10.62 31.73
CA SER H 21 -20.16 -11.43 30.52
C SER H 21 -18.85 -12.22 30.45
N TRP H 22 -17.72 -11.59 30.80
CA TRP H 22 -16.44 -12.27 30.86
C TRP H 22 -16.51 -13.39 31.93
N ALA H 23 -17.24 -13.13 33.03
CA ALA H 23 -17.42 -14.21 34.04
C ALA H 23 -17.93 -15.53 33.42
N ILE H 24 -18.79 -15.42 32.39
CA ILE H 24 -19.32 -16.58 31.72
C ILE H 24 -18.36 -17.08 30.66
N MET H 25 -17.88 -16.15 29.83
CA MET H 25 -17.07 -16.52 28.70
C MET H 25 -15.71 -17.12 29.15
N LYS H 26 -15.18 -16.60 30.25
CA LYS H 26 -13.87 -17.07 30.72
C LYS H 26 -13.81 -18.58 30.90
N LYS H 27 -14.96 -19.19 31.15
CA LYS H 27 -15.07 -20.63 31.41
C LYS H 27 -14.93 -21.42 30.11
N ASP H 28 -15.13 -20.75 28.98
CA ASP H 28 -15.21 -21.43 27.69
C ASP H 28 -14.19 -20.87 26.69
N SER H 29 -13.06 -20.36 27.17
CA SER H 29 -12.24 -19.50 26.31
C SER H 29 -11.52 -20.24 25.19
N ALA H 30 -11.21 -21.53 25.42
CA ALA H 30 -10.59 -22.35 24.38
C ALA H 30 -11.45 -22.31 23.14
N ASN H 31 -12.73 -22.60 23.34
CA ASN H 31 -13.68 -22.77 22.26
C ASN H 31 -14.01 -21.41 21.66
N LEU H 32 -14.23 -20.43 22.51
CA LEU H 32 -14.64 -19.11 22.01
C LEU H 32 -13.51 -18.45 21.27
N GLY H 33 -12.29 -18.57 21.80
CA GLY H 33 -11.10 -18.06 21.12
C GLY H 33 -10.96 -18.63 19.71
N LEU H 34 -11.12 -19.94 19.57
CA LEU H 34 -11.04 -20.53 18.26
C LEU H 34 -12.21 -20.07 17.38
N ARG H 35 -13.40 -19.93 17.94
CA ARG H 35 -14.56 -19.49 17.10
C ARG H 35 -14.33 -18.08 16.60
N PHE H 36 -13.76 -17.26 17.48
CA PHE H 36 -13.44 -15.86 17.14
C PHE H 36 -12.52 -15.87 15.90
N PHE H 37 -11.48 -16.69 15.93
CA PHE H 37 -10.53 -16.66 14.83
C PHE H 37 -11.08 -17.26 13.58
N LEU H 38 -11.90 -18.30 13.72
CA LEU H 38 -12.52 -18.90 12.52
C LEU H 38 -13.44 -17.88 11.87
N LYS H 39 -14.10 -17.07 12.72
CA LYS H 39 -14.99 -16.03 12.19
C LYS H 39 -14.18 -14.96 11.39
N ILE H 40 -13.06 -14.50 11.96
CA ILE H 40 -12.16 -13.62 11.21
C ILE H 40 -11.83 -14.21 9.83
N PHE H 41 -11.42 -15.48 9.80
CA PHE H 41 -11.02 -16.07 8.50
C PHE H 41 -12.20 -16.36 7.57
N GLU H 42 -13.40 -16.47 8.12
CA GLU H 42 -14.60 -16.64 7.30
C GLU H 42 -14.93 -15.35 6.54
N ILE H 43 -14.87 -14.23 7.27
CA ILE H 43 -15.09 -12.92 6.64
C ILE H 43 -13.96 -12.57 5.70
N ALA H 44 -12.71 -12.79 6.12
CA ALA H 44 -11.58 -12.38 5.33
C ALA H 44 -10.54 -13.51 5.20
N PRO H 45 -10.76 -14.45 4.29
CA PRO H 45 -9.87 -15.62 4.14
C PRO H 45 -8.45 -15.17 3.90
N SER H 46 -8.28 -14.04 3.23
CA SER H 46 -6.96 -13.54 2.93
C SER H 46 -6.12 -13.23 4.18
N ALA H 47 -6.77 -12.86 5.28
CA ALA H 47 -6.11 -12.60 6.54
C ALA H 47 -5.31 -13.80 7.04
N ARG H 48 -5.68 -14.99 6.59
CA ARG H 48 -5.08 -16.23 7.02
C ARG H 48 -3.57 -16.23 6.69
N GLN H 49 -3.24 -15.72 5.51
CA GLN H 49 -1.86 -15.61 5.02
C GLN H 49 -0.93 -14.69 5.81
N MET H 50 -1.47 -13.83 6.68
CA MET H 50 -0.60 -13.03 7.53
C MET H 50 0.06 -13.83 8.67
N PHE H 51 -0.50 -14.97 9.00
CA PHE H 51 -0.02 -15.80 10.12
C PHE H 51 0.88 -16.92 9.55
N PRO H 52 2.19 -16.93 9.79
CA PRO H 52 3.04 -17.97 9.20
C PRO H 52 2.53 -19.42 9.39
N PHE H 53 1.94 -19.72 10.54
CA PHE H 53 1.40 -21.06 10.83
C PHE H 53 0.05 -21.39 10.19
N LEU H 54 -0.46 -20.53 9.32
CA LEU H 54 -1.68 -20.83 8.59
C LEU H 54 -1.47 -20.88 7.10
N ARG H 55 -0.21 -20.88 6.64
CA ARG H 55 0.03 -20.77 5.20
C ARG H 55 -0.04 -22.13 4.50
N ASP H 56 -0.11 -23.19 5.29
CA ASP H 56 -0.22 -24.53 4.71
C ASP H 56 -1.72 -24.90 4.46
N SER H 57 -2.18 -24.81 3.22
CA SER H 57 -3.59 -25.03 2.92
C SER H 57 -4.09 -26.44 3.21
N ASP H 58 -3.18 -27.42 3.32
CA ASP H 58 -3.61 -28.82 3.59
C ASP H 58 -3.83 -29.13 5.07
N VAL H 59 -3.51 -28.20 5.96
CA VAL H 59 -3.97 -28.37 7.33
C VAL H 59 -5.21 -27.50 7.62
N PRO H 60 -6.34 -28.15 7.91
CA PRO H 60 -7.59 -27.44 8.20
C PRO H 60 -7.44 -26.45 9.36
N LEU H 61 -8.05 -25.28 9.23
CA LEU H 61 -8.09 -24.31 10.35
C LEU H 61 -8.64 -24.91 11.64
N GLU H 62 -9.64 -25.78 11.50
CA GLU H 62 -10.40 -26.32 12.62
C GLU H 62 -9.54 -27.22 13.48
N THR H 63 -8.51 -27.82 12.89
CA THR H 63 -7.68 -28.75 13.65
C THR H 63 -6.27 -28.20 13.85
N ASN H 64 -5.95 -27.07 13.25
CA ASN H 64 -4.61 -26.52 13.42
C ASN H 64 -4.23 -26.30 14.90
N PRO H 65 -3.27 -27.09 15.42
CA PRO H 65 -2.95 -27.03 16.86
C PRO H 65 -2.41 -25.65 17.28
N LYS H 66 -1.63 -25.02 16.43
CA LYS H 66 -1.05 -23.74 16.73
C LYS H 66 -2.14 -22.61 16.71
N LEU H 67 -3.10 -22.70 15.80
CA LEU H 67 -4.22 -21.72 15.82
C LEU H 67 -4.96 -21.79 17.16
N LYS H 68 -5.17 -22.99 17.71
CA LYS H 68 -5.89 -23.08 19.01
C LYS H 68 -5.18 -22.33 20.15
N THR H 69 -3.85 -22.46 20.19
CA THR H 69 -3.04 -21.84 21.25
C THR H 69 -2.99 -20.35 21.04
N HIS H 70 -2.74 -19.96 19.79
CA HIS H 70 -2.76 -18.53 19.44
C HIS H 70 -4.13 -17.89 19.76
N ALA H 71 -5.20 -18.52 19.29
CA ALA H 71 -6.54 -17.93 19.39
C ALA H 71 -6.89 -17.65 20.84
N VAL H 72 -6.72 -18.66 21.70
CA VAL H 72 -7.10 -18.48 23.12
C VAL H 72 -6.26 -17.40 23.77
N SER H 73 -4.96 -17.41 23.52
CA SER H 73 -4.10 -16.37 24.04
C SER H 73 -4.61 -14.95 23.64
N VAL H 74 -4.95 -14.76 22.37
CA VAL H 74 -5.42 -13.41 21.95
C VAL H 74 -6.80 -13.09 22.52
N PHE H 75 -7.69 -14.07 22.54
CA PHE H 75 -9.05 -13.82 23.05
C PHE H 75 -9.01 -13.49 24.56
N VAL H 76 -8.22 -14.25 25.34
CA VAL H 76 -8.04 -13.95 26.78
C VAL H 76 -7.41 -12.62 27.01
N MET H 77 -6.36 -12.33 26.25
CA MET H 77 -5.73 -11.02 26.36
C MET H 77 -6.71 -9.88 26.12
N THR H 78 -7.51 -10.01 25.08
CA THR H 78 -8.49 -8.98 24.73
C THR H 78 -9.51 -8.82 25.81
N CYS H 79 -10.08 -9.93 26.23
CA CYS H 79 -11.13 -9.88 27.26
C CYS H 79 -10.62 -9.36 28.64
N GLU H 80 -9.39 -9.74 29.00
CA GLU H 80 -8.77 -9.21 30.20
C GLU H 80 -8.41 -7.74 30.09
N ALA H 81 -8.00 -7.27 28.92
CA ALA H 81 -7.84 -5.82 28.77
C ALA H 81 -9.16 -5.07 29.05
N ALA H 82 -10.27 -5.56 28.46
CA ALA H 82 -11.59 -5.00 28.77
C ALA H 82 -11.96 -5.16 30.27
N ALA H 83 -11.73 -6.35 30.82
CA ALA H 83 -12.08 -6.56 32.22
C ALA H 83 -11.31 -5.68 33.21
N GLN H 84 -10.14 -5.22 32.83
CA GLN H 84 -9.27 -4.45 33.74
C GLN H 84 -9.24 -2.97 33.41
N LEU H 85 -10.00 -2.54 32.39
CA LEU H 85 -9.86 -1.20 31.86
C LEU H 85 -10.26 -0.14 32.89
N ARG H 86 -11.45 -0.23 33.46
CA ARG H 86 -11.84 0.73 34.52
C ARG H 86 -10.90 0.66 35.74
N LYS H 87 -10.68 -0.55 36.24
CA LYS H 87 -9.82 -0.79 37.40
C LYS H 87 -8.46 -0.16 37.21
N ALA H 88 -7.80 -0.47 36.09
CA ALA H 88 -6.43 -0.02 35.88
C ALA H 88 -6.43 1.40 35.34
N GLY H 89 -7.58 1.89 34.90
CA GLY H 89 -7.66 3.21 34.29
C GLY H 89 -6.95 3.34 32.94
N LYS H 90 -6.71 2.21 32.29
CA LYS H 90 -6.00 2.18 31.03
C LYS H 90 -6.00 0.73 30.55
N ILE H 91 -5.55 0.58 29.31
CA ILE H 91 -5.43 -0.71 28.69
C ILE H 91 -4.16 -1.37 29.21
N THR H 92 -4.30 -2.59 29.73
CA THR H 92 -3.15 -3.43 30.08
C THR H 92 -3.23 -4.67 29.20
N VAL H 93 -2.08 -5.22 28.81
CA VAL H 93 -2.08 -6.44 28.05
C VAL H 93 -1.29 -7.52 28.78
N ARG H 94 -1.94 -8.64 29.11
CA ARG H 94 -1.33 -9.60 30.04
C ARG H 94 -0.04 -10.18 29.48
N GLU H 95 0.99 -10.28 30.32
CA GLU H 95 2.24 -10.99 29.92
C GLU H 95 3.10 -10.32 28.84
N THR H 96 2.70 -9.11 28.45
CA THR H 96 3.42 -8.40 27.43
C THR H 96 3.25 -6.90 27.63
N THR H 97 3.50 -6.15 26.60
CA THR H 97 3.50 -4.73 26.68
C THR H 97 2.90 -4.21 25.35
N LEU H 98 2.30 -3.02 25.39
CA LEU H 98 1.82 -2.36 24.16
C LEU H 98 2.92 -2.08 23.13
N LYS H 99 4.12 -1.73 23.61
CA LYS H 99 5.24 -1.47 22.70
C LYS H 99 5.58 -2.71 21.87
N ARG H 100 5.67 -3.82 22.55
CA ARG H 100 5.95 -5.11 21.96
C ARG H 100 4.85 -5.46 20.92
N LEU H 101 3.60 -5.20 21.29
CA LEU H 101 2.49 -5.58 20.43
C LEU H 101 2.47 -4.68 19.20
N GLY H 102 2.66 -3.37 19.37
CA GLY H 102 2.77 -2.49 18.23
C GLY H 102 3.89 -2.89 17.26
N GLY H 103 5.04 -3.20 17.82
CA GLY H 103 6.20 -3.63 17.04
C GLY H 103 5.88 -4.83 16.16
N THR H 104 5.28 -5.84 16.77
CA THR H 104 4.89 -7.07 16.08
C THR H 104 3.89 -6.81 14.93
N HIS H 105 2.79 -6.13 15.25
CA HIS H 105 1.71 -5.90 14.27
C HIS H 105 2.13 -5.06 13.09
N LEU H 106 3.06 -4.14 13.36
CA LEU H 106 3.70 -3.37 12.30
C LEU H 106 4.58 -4.22 11.39
N LYS H 107 5.45 -5.04 11.98
CA LYS H 107 6.28 -5.98 11.20
C LYS H 107 5.46 -6.92 10.35
N TYR H 108 4.29 -7.30 10.86
CA TYR H 108 3.45 -8.25 10.16
C TYR H 108 2.51 -7.58 9.18
N GLY H 109 2.53 -6.25 9.16
CA GLY H 109 1.80 -5.49 8.16
C GLY H 109 0.31 -5.41 8.41
N VAL H 110 -0.07 -5.47 9.68
CA VAL H 110 -1.47 -5.44 10.06
C VAL H 110 -2.07 -4.06 9.79
N ALA H 111 -3.17 -4.05 9.07
CA ALA H 111 -3.75 -2.78 8.62
C ALA H 111 -5.01 -2.40 9.39
N ASP H 112 -5.44 -1.17 9.19
CA ASP H 112 -6.73 -0.70 9.76
C ASP H 112 -7.92 -1.58 9.40
N GLY H 113 -8.06 -1.94 8.12
CA GLY H 113 -9.13 -2.84 7.71
C GLY H 113 -9.13 -4.18 8.45
N HIS H 114 -7.94 -4.67 8.80
CA HIS H 114 -7.83 -5.91 9.59
C HIS H 114 -8.45 -5.70 10.97
N PHE H 115 -8.10 -4.62 11.67
CA PHE H 115 -8.73 -4.38 12.98
C PHE H 115 -10.25 -4.24 12.89
N GLU H 116 -10.75 -3.72 11.76
CA GLU H 116 -12.20 -3.57 11.60
C GLU H 116 -12.91 -4.92 11.56
N VAL H 117 -12.39 -5.81 10.71
CA VAL H 117 -12.97 -7.15 10.57
C VAL H 117 -12.90 -7.90 11.91
N THR H 118 -11.75 -7.81 12.56
CA THR H 118 -11.58 -8.46 13.86
C THR H 118 -12.55 -7.98 14.91
N ARG H 119 -12.75 -6.66 14.93
CA ARG H 119 -13.78 -6.10 15.82
C ARG H 119 -15.15 -6.72 15.61
N PHE H 120 -15.64 -6.71 14.36
CA PHE H 120 -16.92 -7.26 14.04
C PHE H 120 -16.95 -8.76 14.39
N ALA H 121 -15.87 -9.44 14.09
CA ALA H 121 -15.75 -10.86 14.42
C ALA H 121 -15.84 -11.13 15.93
N LEU H 122 -15.20 -10.26 16.72
CA LEU H 122 -15.18 -10.41 18.20
C LEU H 122 -16.60 -10.21 18.74
N LEU H 123 -17.26 -9.15 18.28
CA LEU H 123 -18.63 -8.90 18.74
C LEU H 123 -19.62 -9.98 18.33
N GLU H 124 -19.50 -10.55 17.13
CA GLU H 124 -20.41 -11.64 16.76
C GLU H 124 -20.18 -12.86 17.68
N THR H 125 -18.91 -13.10 17.99
CA THR H 125 -18.55 -14.27 18.80
C THR H 125 -19.10 -14.09 20.25
N ILE H 126 -18.92 -12.91 20.81
CA ILE H 126 -19.51 -12.54 22.09
C ILE H 126 -21.02 -12.64 22.09
N LYS H 127 -21.69 -12.05 21.09
CA LYS H 127 -23.15 -12.15 21.04
C LYS H 127 -23.59 -13.62 21.05
N GLU H 128 -22.92 -14.43 20.23
CA GLU H 128 -23.24 -15.86 20.15
C GLU H 128 -22.92 -16.66 21.41
N ALA H 129 -21.97 -16.16 22.20
CA ALA H 129 -21.56 -16.79 23.45
C ALA H 129 -22.49 -16.53 24.64
N LEU H 130 -23.14 -15.36 24.65
CA LEU H 130 -23.81 -14.89 25.83
C LEU H 130 -25.28 -15.25 25.82
N PRO H 131 -25.86 -15.30 27.02
CA PRO H 131 -27.32 -15.47 27.16
C PRO H 131 -28.08 -14.38 26.38
N ALA H 132 -29.14 -14.76 25.67
CA ALA H 132 -29.97 -13.77 24.96
C ALA H 132 -30.30 -12.60 25.88
N ASP H 133 -30.63 -12.89 27.15
CA ASP H 133 -30.87 -11.87 28.21
C ASP H 133 -29.87 -10.78 28.44
N MET H 134 -28.62 -11.07 28.06
CA MET H 134 -27.50 -10.22 28.36
C MET H 134 -27.21 -9.31 27.20
N TRP H 135 -27.67 -9.70 26.02
CA TRP H 135 -27.27 -8.99 24.82
C TRP H 135 -28.17 -7.81 24.54
N GLY H 136 -27.54 -6.68 24.26
CA GLY H 136 -28.24 -5.45 23.93
C GLY H 136 -27.24 -4.36 23.58
N PRO H 137 -27.75 -3.18 23.25
CA PRO H 137 -26.89 -2.05 22.89
C PRO H 137 -25.86 -1.74 23.96
N GLU H 138 -26.23 -1.73 25.26
CA GLU H 138 -25.24 -1.37 26.26
C GLU H 138 -24.07 -2.37 26.30
N MET H 139 -24.41 -3.68 26.33
CA MET H 139 -23.40 -4.74 26.30
C MET H 139 -22.54 -4.65 25.03
N ARG H 140 -23.20 -4.60 23.87
CA ARG H 140 -22.46 -4.47 22.62
C ARG H 140 -21.54 -3.24 22.61
N ASN H 141 -22.02 -2.09 23.12
CA ASN H 141 -21.21 -0.89 23.08
C ASN H 141 -20.02 -0.99 24.05
N ALA H 142 -20.25 -1.61 25.20
CA ALA H 142 -19.22 -1.79 26.24
C ALA H 142 -18.03 -2.56 25.63
N TRP H 143 -18.34 -3.68 25.00
CA TRP H 143 -17.27 -4.50 24.40
C TRP H 143 -16.60 -3.81 23.22
N GLY H 144 -17.41 -3.19 22.36
CA GLY H 144 -16.90 -2.47 21.22
C GLY H 144 -15.99 -1.34 21.61
N GLU H 145 -16.42 -0.56 22.61
CA GLU H 145 -15.57 0.51 23.12
C GLU H 145 -14.30 0.03 23.77
N ALA H 146 -14.38 -1.02 24.58
CA ALA H 146 -13.14 -1.58 25.17
C ALA H 146 -12.15 -2.05 24.08
N TYR H 147 -12.66 -2.81 23.10
CA TYR H 147 -11.84 -3.22 21.95
C TYR H 147 -11.25 -2.00 21.23
N ASP H 148 -12.05 -0.96 20.99
CA ASP H 148 -11.48 0.22 20.33
C ASP H 148 -10.31 0.81 21.11
N GLN H 149 -10.47 0.93 22.43
CA GLN H 149 -9.37 1.44 23.24
C GLN H 149 -8.12 0.53 23.17
N LEU H 150 -8.33 -0.78 23.25
CA LEU H 150 -7.21 -1.74 23.06
C LEU H 150 -6.49 -1.49 21.71
N VAL H 151 -7.27 -1.37 20.62
CA VAL H 151 -6.72 -1.16 19.28
C VAL H 151 -6.08 0.20 19.20
N ALA H 152 -6.76 1.24 19.67
CA ALA H 152 -6.13 2.56 19.67
C ALA H 152 -4.77 2.51 20.43
N ALA H 153 -4.68 1.77 21.54
CA ALA H 153 -3.42 1.69 22.28
C ALA H 153 -2.29 0.93 21.53
N ILE H 154 -2.67 -0.12 20.82
CA ILE H 154 -1.68 -0.84 20.00
C ILE H 154 -1.21 0.03 18.82
N LYS H 155 -2.14 0.68 18.09
CA LYS H 155 -1.82 1.54 16.96
C LYS H 155 -0.89 2.70 17.31
N GLN H 156 -0.99 3.21 18.55
CA GLN H 156 -0.08 4.27 19.04
C GLN H 156 1.36 3.82 18.94
N GLU H 157 1.58 2.53 19.16
CA GLU H 157 2.91 1.95 19.06
C GLU H 157 3.25 1.43 17.67
N MET H 158 2.39 1.66 16.68
CA MET H 158 2.65 1.27 15.30
C MET H 158 2.92 2.50 14.42
N LYS H 159 2.75 3.68 15.00
CA LYS H 159 2.80 4.95 14.27
C LYS H 159 3.88 5.87 14.84
N PRO H 160 4.38 6.85 14.08
CA PRO H 160 5.45 7.74 14.58
C PRO H 160 5.01 8.53 15.80
#